data_9OBP
#
_entry.id   9OBP
#
_cell.length_a   1.00
_cell.length_b   1.00
_cell.length_c   1.00
_cell.angle_alpha   90.00
_cell.angle_beta   90.00
_cell.angle_gamma   90.00
#
_symmetry.space_group_name_H-M   'P 1'
#
loop_
_entity.id
_entity.type
_entity.pdbx_description
1 polymer Alpha-synuclein
2 polymer 'Unidentified protein'
#
loop_
_entity_poly.entity_id
_entity_poly.type
_entity_poly.pdbx_seq_one_letter_code
_entity_poly.pdbx_strand_id
1 'polypeptide(L)'
;MDVFMKGLSKAKEGVVAAAEKTKQGVAEAAGKTKEGVLYVGSKTKEGVVHGVATVAEKTKEQVTNVGGAVVTGVTAVAQK
TVEGAGSIAAATGFVKKDQLGKNEEGAPQEGILEDMPVDPDNEAYEMPSEEGYQDYEPEA
;
A,B,C,D,E,F,G,H,I,J
2 'polypeptide(L)' (UNK)(UNK)(UNK)(UNK)(UNK) K,L,M,N,O
#
# COMPACT_ATOMS: atom_id res chain seq x y z
N GLY A 14 -24.97 -6.27 -8.19
CA GLY A 14 -26.11 -5.45 -7.81
C GLY A 14 -26.41 -5.48 -6.32
N VAL A 15 -25.92 -4.48 -5.60
CA VAL A 15 -26.13 -4.34 -4.16
C VAL A 15 -26.91 -3.06 -3.92
N VAL A 16 -28.02 -3.18 -3.20
CA VAL A 16 -28.90 -2.05 -2.94
C VAL A 16 -29.34 -2.07 -1.48
N ALA A 17 -29.14 -0.96 -0.78
CA ALA A 17 -29.69 -0.74 0.55
C ALA A 17 -30.48 0.55 0.54
N ALA A 18 -31.73 0.50 0.98
CA ALA A 18 -32.62 1.64 0.89
C ALA A 18 -33.46 1.75 2.15
N ALA A 19 -33.97 2.97 2.39
CA ALA A 19 -34.85 3.23 3.52
C ALA A 19 -35.73 4.43 3.13
N GLU A 20 -36.97 4.16 2.75
CA GLU A 20 -37.89 5.18 2.30
C GLU A 20 -39.08 5.32 3.23
N LYS A 21 -39.64 6.52 3.27
CA LYS A 21 -40.87 6.84 4.00
C LYS A 21 -40.83 6.39 5.46
N THR A 22 -39.76 6.74 6.16
CA THR A 22 -39.68 6.54 7.60
C THR A 22 -39.26 7.85 8.24
N LYS A 23 -39.37 7.93 9.56
CA LYS A 23 -38.90 9.12 10.26
C LYS A 23 -37.37 9.19 10.24
N GLN A 24 -36.70 8.05 10.30
CA GLN A 24 -35.25 7.99 10.23
C GLN A 24 -34.84 6.80 9.38
N GLY A 25 -33.81 6.98 8.57
CA GLY A 25 -33.32 5.92 7.72
C GLY A 25 -31.81 5.93 7.63
N VAL A 26 -31.22 4.75 7.74
CA VAL A 26 -29.77 4.57 7.63
C VAL A 26 -29.54 3.47 6.60
N ALA A 27 -28.87 3.80 5.51
CA ALA A 27 -28.59 2.85 4.43
C ALA A 27 -27.08 2.69 4.30
N GLU A 28 -26.63 1.43 4.23
CA GLU A 28 -25.22 1.11 4.09
C GLU A 28 -25.06 0.13 2.94
N ALA A 29 -24.33 0.56 1.91
CA ALA A 29 -24.01 -0.28 0.77
C ALA A 29 -22.85 -1.20 1.14
N ALA A 30 -22.23 -1.83 0.15
CA ALA A 30 -21.16 -2.79 0.42
C ALA A 30 -19.94 -2.05 0.94
N GLY A 31 -19.84 -1.92 2.26
CA GLY A 31 -18.77 -1.21 2.92
C GLY A 31 -17.82 -2.21 3.58
N LYS A 32 -16.53 -1.89 3.54
CA LYS A 32 -15.49 -2.78 4.04
C LYS A 32 -14.72 -2.08 5.15
N THR A 33 -14.52 -2.78 6.26
CA THR A 33 -13.72 -2.28 7.37
C THR A 33 -12.64 -3.30 7.72
N LYS A 34 -11.47 -2.80 8.11
CA LYS A 34 -10.33 -3.65 8.44
C LYS A 34 -9.88 -3.43 9.88
N GLU A 35 -10.82 -3.18 10.79
CA GLU A 35 -10.49 -3.01 12.19
C GLU A 35 -9.94 -4.31 12.78
N GLY A 36 -8.89 -4.19 13.58
CA GLY A 36 -8.24 -5.34 14.18
C GLY A 36 -6.77 -5.36 13.83
N VAL A 37 -6.15 -6.53 14.01
CA VAL A 37 -4.74 -6.74 13.71
C VAL A 37 -4.65 -7.73 12.57
N LEU A 38 -4.13 -7.28 11.43
CA LEU A 38 -3.89 -8.13 10.26
C LEU A 38 -2.38 -8.25 10.09
N TYR A 39 -1.85 -9.47 10.24
CA TYR A 39 -0.42 -9.71 10.19
C TYR A 39 -0.10 -10.63 9.01
N VAL A 40 0.83 -10.21 8.16
CA VAL A 40 1.32 -11.01 7.06
C VAL A 40 2.84 -11.08 7.17
N GLY A 41 3.37 -12.30 7.26
CA GLY A 41 4.82 -12.45 7.34
C GLY A 41 5.53 -12.00 6.07
N SER A 42 5.02 -12.44 4.92
CA SER A 42 5.58 -12.05 3.64
C SER A 42 4.49 -12.33 2.61
N LYS A 43 4.56 -11.61 1.49
CA LYS A 43 3.53 -11.65 0.46
C LYS A 43 4.23 -11.57 -0.92
N THR A 44 5.18 -12.46 -1.13
CA THR A 44 6.00 -12.42 -2.34
C THR A 44 5.19 -13.06 -3.47
N LYS A 45 5.49 -12.63 -4.69
CA LYS A 45 5.02 -13.28 -5.90
C LYS A 45 6.17 -13.31 -6.90
N GLU A 46 6.48 -14.49 -7.42
CA GLU A 46 7.68 -14.73 -8.20
C GLU A 46 7.30 -15.42 -9.50
N GLY A 47 7.61 -14.79 -10.63
CA GLY A 47 7.27 -15.37 -11.92
C GLY A 47 5.78 -15.43 -12.17
N VAL A 48 5.14 -14.27 -12.30
CA VAL A 48 3.69 -14.18 -12.40
C VAL A 48 3.32 -13.33 -13.62
N VAL A 49 2.42 -13.85 -14.45
CA VAL A 49 1.81 -13.09 -15.53
C VAL A 49 0.38 -12.78 -15.13
N HIS A 50 0.00 -11.51 -15.24
CA HIS A 50 -1.29 -11.05 -14.72
C HIS A 50 -1.93 -10.07 -15.69
N GLY A 51 -3.22 -10.25 -15.95
CA GLY A 51 -4.01 -9.27 -16.66
C GLY A 51 -3.62 -9.03 -18.10
N VAL A 52 -3.82 -10.02 -18.98
CA VAL A 52 -3.56 -9.87 -20.40
C VAL A 52 -4.89 -9.96 -21.15
N ALA A 53 -5.22 -8.91 -21.90
CA ALA A 53 -6.47 -8.82 -22.63
C ALA A 53 -6.23 -8.45 -24.08
N THR A 54 -7.05 -8.98 -24.97
CA THR A 54 -6.95 -8.71 -26.40
C THR A 54 -8.34 -8.64 -27.00
N VAL A 55 -8.57 -7.66 -27.88
CA VAL A 55 -9.86 -7.44 -28.51
C VAL A 55 -9.65 -7.30 -30.01
N ALA A 56 -10.47 -8.00 -30.78
CA ALA A 56 -10.44 -7.93 -32.24
C ALA A 56 -11.85 -7.72 -32.77
N GLU A 57 -11.96 -7.01 -33.88
CA GLU A 57 -13.23 -6.68 -34.51
C GLU A 57 -13.24 -7.09 -35.98
N LYS A 58 -14.43 -7.43 -36.47
CA LYS A 58 -14.60 -7.89 -37.85
C LYS A 58 -13.73 -9.12 -38.13
N THR A 59 -13.91 -10.14 -37.31
CA THR A 59 -12.95 -11.25 -37.23
C THR A 59 -13.06 -12.14 -38.46
N LYS A 60 -11.92 -12.42 -39.09
CA LYS A 60 -11.83 -13.36 -40.20
C LYS A 60 -10.41 -13.91 -40.22
N GLU A 61 -10.28 -15.23 -40.29
CA GLU A 61 -8.98 -15.89 -40.20
C GLU A 61 -8.87 -16.98 -41.25
N GLN A 62 -7.73 -17.01 -41.94
CA GLN A 62 -7.39 -18.08 -42.86
C GLN A 62 -5.97 -18.52 -42.60
N VAL A 63 -5.77 -19.80 -42.35
CA VAL A 63 -4.46 -20.36 -42.05
C VAL A 63 -4.22 -21.57 -42.94
N THR A 64 -3.08 -21.57 -43.64
CA THR A 64 -2.64 -22.72 -44.42
C THR A 64 -1.22 -23.05 -43.98
N ASN A 65 -1.01 -24.30 -43.57
CA ASN A 65 0.25 -24.74 -42.98
C ASN A 65 0.79 -25.94 -43.74
N VAL A 66 2.09 -25.94 -43.98
CA VAL A 66 2.77 -27.04 -44.67
C VAL A 66 4.00 -27.39 -43.83
N GLY A 67 3.85 -28.37 -42.95
CA GLY A 67 4.97 -28.88 -42.18
C GLY A 67 5.47 -27.97 -41.07
N GLY A 68 4.74 -26.91 -40.74
CA GLY A 68 5.16 -25.96 -39.73
C GLY A 68 4.31 -26.03 -38.48
N ALA A 69 4.44 -24.98 -37.66
CA ALA A 69 3.65 -24.81 -36.45
C ALA A 69 3.00 -23.43 -36.47
N VAL A 70 1.69 -23.40 -36.26
CA VAL A 70 0.93 -22.15 -36.24
C VAL A 70 0.05 -22.16 -35.00
N VAL A 71 0.14 -21.09 -34.21
CA VAL A 71 -0.68 -20.89 -33.02
C VAL A 71 -1.35 -19.54 -33.13
N THR A 72 -2.65 -19.49 -32.85
CA THR A 72 -3.42 -18.24 -32.88
C THR A 72 -3.96 -18.00 -31.48
N GLY A 73 -3.67 -16.82 -30.94
CA GLY A 73 -4.10 -16.47 -29.60
C GLY A 73 -3.00 -15.74 -28.86
N VAL A 74 -3.22 -15.62 -27.57
CA VAL A 74 -2.27 -14.95 -26.67
C VAL A 74 -1.37 -16.00 -26.05
N THR A 75 -0.14 -15.61 -25.73
CA THR A 75 0.82 -16.47 -25.05
C THR A 75 1.20 -15.85 -23.72
N ALA A 76 1.10 -16.64 -22.65
CA ALA A 76 1.42 -16.17 -21.31
C ALA A 76 2.16 -17.29 -20.58
N VAL A 77 3.43 -17.05 -20.25
CA VAL A 77 4.28 -18.04 -19.60
C VAL A 77 4.78 -17.45 -18.29
N ALA A 78 4.54 -18.17 -17.20
CA ALA A 78 4.99 -17.74 -15.87
C ALA A 78 5.73 -18.89 -15.21
N GLN A 79 7.02 -18.68 -14.94
CA GLN A 79 7.88 -19.71 -14.36
C GLN A 79 8.64 -19.13 -13.17
N LYS A 80 8.90 -19.97 -12.18
CA LYS A 80 9.67 -19.55 -11.01
C LYS A 80 11.16 -19.84 -11.17
N THR A 81 11.52 -21.10 -11.37
CA THR A 81 12.90 -21.51 -11.52
C THR A 81 13.02 -22.49 -12.68
N VAL A 82 13.92 -22.22 -13.60
CA VAL A 82 14.23 -23.13 -14.70
C VAL A 82 15.67 -23.56 -14.55
N GLU A 83 15.88 -24.86 -14.28
CA GLU A 83 17.20 -25.40 -14.05
C GLU A 83 17.76 -26.01 -15.33
N GLY A 84 19.08 -26.18 -15.35
CA GLY A 84 19.74 -26.91 -16.41
C GLY A 84 20.53 -26.00 -17.35
N ALA A 85 21.55 -26.59 -17.97
CA ALA A 85 22.41 -25.90 -18.91
C ALA A 85 22.01 -26.25 -20.34
N GLY A 86 21.99 -25.25 -21.21
CA GLY A 86 21.56 -25.45 -22.57
C GLY A 86 20.07 -25.59 -22.75
N SER A 87 19.28 -25.24 -21.74
CA SER A 87 17.83 -25.37 -21.79
C SER A 87 17.18 -24.07 -22.27
N ILE A 88 15.94 -24.19 -22.72
CA ILE A 88 15.15 -23.04 -23.15
C ILE A 88 13.95 -22.92 -22.22
N ALA A 89 13.80 -21.76 -21.60
CA ALA A 89 12.73 -21.55 -20.64
C ALA A 89 11.41 -21.21 -21.33
N ALA A 90 11.42 -20.16 -22.14
CA ALA A 90 10.21 -19.71 -22.83
C ALA A 90 10.55 -19.35 -24.27
N ALA A 91 9.79 -19.90 -25.22
CA ALA A 91 10.00 -19.67 -26.62
C ALA A 91 8.66 -19.54 -27.33
N THR A 92 8.53 -18.52 -28.18
CA THR A 92 7.32 -18.29 -28.96
C THR A 92 7.73 -18.02 -30.40
N GLY A 93 7.29 -18.88 -31.31
CA GLY A 93 7.76 -18.81 -32.68
C GLY A 93 9.25 -19.04 -32.75
N PHE A 94 9.68 -20.26 -32.42
CA PHE A 94 11.09 -20.59 -32.26
C PHE A 94 11.45 -21.69 -33.25
N VAL A 95 12.50 -21.48 -34.02
CA VAL A 95 12.99 -22.45 -34.98
C VAL A 95 14.41 -22.84 -34.58
N LYS A 96 14.64 -24.13 -34.38
CA LYS A 96 15.91 -24.65 -33.90
C LYS A 96 16.41 -25.72 -34.86
N LYS A 97 17.46 -25.40 -35.62
CA LYS A 97 18.09 -26.32 -36.56
C LYS A 97 19.59 -26.30 -36.28
N ASP A 98 20.02 -27.12 -35.32
CA ASP A 98 21.41 -27.15 -34.87
C ASP A 98 22.02 -28.50 -35.19
N GLN A 99 23.26 -28.49 -35.69
CA GLN A 99 24.01 -29.71 -35.83
C GLN A 99 24.86 -29.95 -34.58
N LEU A 100 25.38 -31.16 -34.45
CA LEU A 100 26.14 -31.54 -33.27
C LEU A 100 27.15 -32.63 -33.60
N GLY B 14 -22.89 -2.27 -9.63
CA GLY B 14 -24.15 -1.64 -9.27
C GLY B 14 -24.33 -1.51 -7.77
N VAL B 15 -23.64 -0.56 -7.16
CA VAL B 15 -23.69 -0.31 -5.73
C VAL B 15 -24.50 0.96 -5.50
N VAL B 16 -25.60 0.84 -4.75
CA VAL B 16 -26.51 1.95 -4.51
C VAL B 16 -26.95 1.93 -3.05
N ALA B 17 -26.87 3.08 -2.39
CA ALA B 17 -27.44 3.27 -1.06
C ALA B 17 -28.26 4.55 -1.05
N ALA B 18 -29.53 4.45 -0.69
CA ALA B 18 -30.44 5.58 -0.78
C ALA B 18 -31.27 5.70 0.48
N ALA B 19 -31.76 6.92 0.72
CA ALA B 19 -32.66 7.19 1.84
C ALA B 19 -33.52 8.40 1.45
N GLU B 20 -34.75 8.14 1.02
CA GLU B 20 -35.65 9.18 0.54
C GLU B 20 -36.86 9.30 1.45
N LYS B 21 -37.48 10.49 1.39
CA LYS B 21 -38.76 10.76 2.05
C LYS B 21 -38.70 10.51 3.56
N THR B 22 -37.51 10.67 4.13
CA THR B 22 -37.31 10.52 5.57
C THR B 22 -37.08 11.89 6.17
N LYS B 23 -37.21 11.97 7.50
CA LYS B 23 -36.83 13.21 8.19
C LYS B 23 -35.32 13.33 8.31
N GLN B 24 -34.64 12.21 8.51
CA GLN B 24 -33.18 12.17 8.62
C GLN B 24 -32.69 10.96 7.84
N GLY B 25 -32.00 11.20 6.75
CA GLY B 25 -31.46 10.12 5.93
C GLY B 25 -29.95 10.15 5.91
N VAL B 26 -29.36 8.98 6.12
CA VAL B 26 -27.90 8.83 6.15
C VAL B 26 -27.58 7.63 5.26
N ALA B 27 -26.69 7.82 4.29
CA ALA B 27 -26.37 6.79 3.30
C ALA B 27 -24.88 6.82 2.98
N GLU B 28 -24.23 5.67 3.13
CA GLU B 28 -22.85 5.49 2.70
C GLU B 28 -22.81 4.41 1.62
N ALA B 29 -22.19 4.75 0.49
CA ALA B 29 -21.92 3.80 -0.58
C ALA B 29 -20.72 2.95 -0.18
N ALA B 30 -20.08 2.30 -1.15
CA ALA B 30 -19.01 1.36 -0.86
C ALA B 30 -17.80 2.12 -0.33
N GLY B 31 -17.65 2.16 0.99
CA GLY B 31 -16.60 2.89 1.67
C GLY B 31 -15.68 1.92 2.39
N LYS B 32 -14.39 2.25 2.36
CA LYS B 32 -13.35 1.36 2.90
C LYS B 32 -12.61 2.08 4.02
N THR B 33 -12.48 1.41 5.16
CA THR B 33 -11.70 1.92 6.29
C THR B 33 -10.61 0.92 6.64
N LYS B 34 -9.46 1.44 7.06
CA LYS B 34 -8.31 0.62 7.40
C LYS B 34 -7.84 0.90 8.83
N GLU B 35 -8.78 1.07 9.75
CA GLU B 35 -8.43 1.29 11.15
C GLU B 35 -7.79 0.04 11.74
N GLY B 36 -6.89 0.22 12.71
CA GLY B 36 -6.26 -0.89 13.37
C GLY B 36 -4.80 -0.98 12.98
N VAL B 37 -4.21 -2.15 13.21
CA VAL B 37 -2.82 -2.42 12.90
C VAL B 37 -2.77 -3.39 11.73
N LEU B 38 -2.13 -2.99 10.64
CA LEU B 38 -1.94 -3.81 9.45
C LEU B 38 -0.45 -3.94 9.20
N TYR B 39 0.11 -5.10 9.54
CA TYR B 39 1.55 -5.33 9.46
C TYR B 39 1.85 -6.26 8.29
N VAL B 40 2.81 -5.86 7.47
CA VAL B 40 3.34 -6.70 6.39
C VAL B 40 4.85 -6.75 6.53
N GLY B 41 5.40 -7.94 6.69
CA GLY B 41 6.84 -8.07 6.80
C GLY B 41 7.57 -7.71 5.52
N SER B 42 7.07 -8.20 4.38
CA SER B 42 7.67 -7.90 3.09
C SER B 42 6.59 -8.06 2.02
N LYS B 43 6.71 -7.25 0.96
CA LYS B 43 5.72 -7.22 -0.11
C LYS B 43 6.42 -7.21 -1.46
N THR B 44 7.42 -8.08 -1.62
CA THR B 44 8.23 -8.11 -2.82
C THR B 44 7.46 -8.75 -3.97
N LYS B 45 7.67 -8.24 -5.18
CA LYS B 45 7.27 -8.91 -6.41
C LYS B 45 8.44 -8.88 -7.37
N GLU B 46 8.74 -10.03 -7.97
CA GLU B 46 9.98 -10.20 -8.71
C GLU B 46 9.76 -11.13 -9.90
N GLY B 47 9.90 -10.58 -11.10
CA GLY B 47 9.65 -11.33 -12.32
C GLY B 47 8.18 -11.36 -12.68
N VAL B 48 7.56 -10.19 -12.77
CA VAL B 48 6.11 -10.08 -12.94
C VAL B 48 5.81 -9.27 -14.18
N VAL B 49 4.95 -9.81 -15.04
CA VAL B 49 4.37 -9.08 -16.17
C VAL B 49 2.93 -8.75 -15.80
N HIS B 50 2.55 -7.49 -15.93
CA HIS B 50 1.27 -7.00 -15.44
C HIS B 50 0.65 -6.06 -16.46
N GLY B 51 -0.64 -6.26 -16.74
CA GLY B 51 -1.41 -5.31 -17.52
C GLY B 51 -0.98 -5.11 -18.95
N VAL B 52 -1.14 -6.13 -19.79
CA VAL B 52 -0.85 -6.04 -21.22
C VAL B 52 -2.18 -6.07 -21.95
N ALA B 53 -2.47 -5.01 -22.72
CA ALA B 53 -3.71 -4.87 -23.45
C ALA B 53 -3.42 -4.59 -24.92
N THR B 54 -4.31 -5.06 -25.80
CA THR B 54 -4.16 -4.87 -27.23
C THR B 54 -5.54 -4.84 -27.87
N VAL B 55 -5.79 -3.81 -28.69
CA VAL B 55 -7.07 -3.62 -29.36
C VAL B 55 -6.83 -3.45 -30.85
N ALA B 56 -7.55 -4.23 -31.66
CA ALA B 56 -7.44 -4.16 -33.11
C ALA B 56 -8.84 -4.01 -33.70
N GLU B 57 -9.05 -2.93 -34.43
CA GLU B 57 -10.32 -2.66 -35.08
C GLU B 57 -10.16 -2.80 -36.59
N LYS B 58 -11.20 -3.35 -37.23
CA LYS B 58 -11.16 -3.66 -38.66
C LYS B 58 -9.99 -4.58 -38.99
N THR B 59 -9.99 -5.78 -38.40
CA THR B 59 -8.87 -6.70 -38.51
C THR B 59 -9.31 -8.02 -39.11
N LYS B 60 -8.54 -8.50 -40.10
CA LYS B 60 -8.66 -9.83 -40.65
C LYS B 60 -7.25 -10.35 -40.90
N GLU B 61 -7.07 -11.67 -40.89
CA GLU B 61 -5.75 -12.27 -40.94
C GLU B 61 -5.69 -13.35 -42.00
N GLN B 62 -4.57 -13.39 -42.72
CA GLN B 62 -4.25 -14.44 -43.66
C GLN B 62 -2.82 -14.89 -43.40
N VAL B 63 -2.63 -16.16 -43.09
CA VAL B 63 -1.33 -16.71 -42.72
C VAL B 63 -0.99 -17.85 -43.66
N THR B 64 0.19 -17.79 -44.26
CA THR B 64 0.71 -18.87 -45.10
C THR B 64 2.08 -19.26 -44.53
N ASN B 65 2.23 -20.53 -44.18
CA ASN B 65 3.43 -21.01 -43.52
C ASN B 65 3.97 -22.24 -44.25
N VAL B 66 5.28 -22.26 -44.46
CA VAL B 66 5.97 -23.37 -45.13
C VAL B 66 7.18 -23.72 -44.28
N GLY B 67 7.05 -24.72 -43.42
CA GLY B 67 8.16 -25.22 -42.63
C GLY B 67 8.66 -24.31 -41.54
N GLY B 68 7.93 -23.24 -41.22
CA GLY B 68 8.34 -22.30 -40.20
C GLY B 68 7.46 -22.34 -38.97
N ALA B 69 7.58 -21.29 -38.16
CA ALA B 69 6.75 -21.12 -36.97
C ALA B 69 6.11 -19.74 -37.01
N VAL B 70 4.80 -19.69 -36.81
CA VAL B 70 4.04 -18.45 -36.82
C VAL B 70 3.12 -18.43 -35.61
N VAL B 71 3.18 -17.35 -34.84
CA VAL B 71 2.29 -17.12 -33.71
C VAL B 71 1.62 -15.77 -33.94
N THR B 72 0.31 -15.72 -33.77
CA THR B 72 -0.47 -14.50 -33.99
C THR B 72 -1.05 -14.07 -32.65
N GLY B 73 -0.55 -12.95 -32.14
CA GLY B 73 -0.99 -12.45 -30.85
C GLY B 73 0.18 -11.82 -30.11
N VAL B 74 -0.06 -11.56 -28.83
CA VAL B 74 0.97 -10.96 -27.99
C VAL B 74 1.61 -12.03 -27.13
N THR B 75 2.76 -11.69 -26.55
CA THR B 75 3.55 -12.61 -25.74
C THR B 75 3.89 -11.95 -24.40
N ALA B 76 3.76 -12.72 -23.32
CA ALA B 76 4.09 -12.25 -21.99
C ALA B 76 4.85 -13.36 -21.26
N VAL B 77 6.07 -13.06 -20.84
CA VAL B 77 6.94 -14.03 -20.18
C VAL B 77 7.41 -13.42 -18.86
N ALA B 78 7.21 -14.15 -17.77
CA ALA B 78 7.59 -13.68 -16.44
C ALA B 78 8.33 -14.80 -15.72
N GLN B 79 9.63 -14.62 -15.49
CA GLN B 79 10.47 -15.61 -14.84
C GLN B 79 11.17 -14.98 -13.64
N LYS B 80 11.48 -15.82 -12.65
CA LYS B 80 12.19 -15.36 -11.46
C LYS B 80 13.68 -15.69 -11.55
N THR B 81 14.01 -16.96 -11.71
CA THR B 81 15.41 -17.38 -11.81
C THR B 81 15.56 -18.39 -12.94
N VAL B 82 16.53 -18.14 -13.82
CA VAL B 82 16.90 -19.06 -14.89
C VAL B 82 18.41 -19.24 -14.79
N GLU B 83 18.84 -20.47 -14.53
CA GLU B 83 20.26 -20.77 -14.42
C GLU B 83 20.70 -21.72 -15.53
N GLY B 84 22.01 -21.83 -15.70
CA GLY B 84 22.58 -22.73 -16.68
C GLY B 84 23.35 -22.00 -17.76
N ALA B 85 24.47 -22.57 -18.18
CA ALA B 85 25.31 -22.00 -19.20
C ALA B 85 24.77 -22.34 -20.58
N GLY B 86 24.79 -21.37 -21.48
CA GLY B 86 24.27 -21.58 -22.82
C GLY B 86 22.77 -21.70 -22.92
N SER B 87 22.04 -21.19 -21.92
CA SER B 87 20.60 -21.33 -21.89
C SER B 87 19.91 -20.05 -22.35
N ILE B 88 18.77 -20.22 -23.03
CA ILE B 88 17.94 -19.11 -23.47
C ILE B 88 16.75 -19.02 -22.54
N ALA B 89 16.49 -17.82 -22.02
CA ALA B 89 15.41 -17.60 -21.07
C ALA B 89 14.12 -17.20 -21.77
N ALA B 90 14.16 -16.13 -22.55
CA ALA B 90 12.99 -15.64 -23.28
C ALA B 90 13.39 -15.36 -24.73
N ALA B 91 12.55 -15.79 -25.66
CA ALA B 91 12.83 -15.62 -27.08
C ALA B 91 11.53 -15.67 -27.86
N THR B 92 11.23 -14.59 -28.57
CA THR B 92 10.09 -14.53 -29.48
C THR B 92 10.62 -14.19 -30.87
N GLY B 93 10.22 -15.00 -31.85
CA GLY B 93 10.79 -14.88 -33.19
C GLY B 93 12.28 -15.14 -33.19
N PHE B 94 12.66 -16.34 -32.78
CA PHE B 94 14.07 -16.71 -32.62
C PHE B 94 14.42 -17.82 -33.61
N VAL B 95 15.49 -17.62 -34.36
CA VAL B 95 15.99 -18.62 -35.31
C VAL B 95 17.40 -18.99 -34.88
N LYS B 96 17.64 -20.28 -34.69
CA LYS B 96 18.91 -20.80 -34.18
C LYS B 96 19.43 -21.85 -35.15
N LYS B 97 20.50 -21.52 -35.87
CA LYS B 97 21.17 -22.44 -36.79
C LYS B 97 22.66 -22.42 -36.47
N ASP B 98 23.07 -23.24 -35.50
CA ASP B 98 24.43 -23.24 -34.99
C ASP B 98 25.11 -24.57 -35.29
N GLN B 99 26.36 -24.50 -35.74
CA GLN B 99 27.17 -25.71 -35.81
C GLN B 99 27.80 -25.99 -34.45
N LEU B 100 28.20 -27.24 -34.26
CA LEU B 100 28.77 -27.67 -32.98
C LEU B 100 29.60 -28.94 -33.16
N GLY C 14 -20.31 1.78 -11.09
CA GLY C 14 -21.57 2.34 -10.64
C GLY C 14 -21.71 2.36 -9.14
N VAL C 15 -21.35 3.49 -8.53
CA VAL C 15 -21.42 3.69 -7.08
C VAL C 15 -22.22 4.96 -6.82
N VAL C 16 -23.32 4.84 -6.08
CA VAL C 16 -24.24 5.95 -5.86
C VAL C 16 -24.70 5.95 -4.40
N ALA C 17 -24.70 7.13 -3.79
CA ALA C 17 -25.33 7.36 -2.50
C ALA C 17 -26.18 8.63 -2.61
N ALA C 18 -27.40 8.58 -2.06
CA ALA C 18 -28.33 9.68 -2.24
C ALA C 18 -29.19 9.84 -0.99
N ALA C 19 -29.71 11.06 -0.81
CA ALA C 19 -30.64 11.36 0.26
C ALA C 19 -31.50 12.55 -0.19
N GLU C 20 -32.69 12.26 -0.69
CA GLU C 20 -33.58 13.28 -1.23
C GLU C 20 -34.83 13.43 -0.37
N LYS C 21 -35.43 14.62 -0.46
CA LYS C 21 -36.69 14.94 0.21
C LYS C 21 -36.60 14.69 1.72
N THR C 22 -35.44 15.00 2.30
CA THR C 22 -35.23 14.83 3.72
C THR C 22 -35.03 16.19 4.36
N LYS C 23 -35.23 16.26 5.68
CA LYS C 23 -34.85 17.46 6.41
C LYS C 23 -33.34 17.53 6.57
N GLN C 24 -32.68 16.39 6.77
CA GLN C 24 -31.24 16.30 6.88
C GLN C 24 -30.77 15.09 6.10
N GLY C 25 -29.79 15.29 5.23
CA GLY C 25 -29.25 14.20 4.44
C GLY C 25 -27.74 14.19 4.41
N VAL C 26 -27.14 13.03 4.65
CA VAL C 26 -25.70 12.86 4.67
C VAL C 26 -25.38 11.70 3.72
N ALA C 27 -24.82 12.02 2.56
CA ALA C 27 -24.47 11.03 1.56
C ALA C 27 -22.96 10.93 1.43
N GLU C 28 -22.43 9.72 1.50
CA GLU C 28 -21.00 9.45 1.36
C GLU C 28 -20.79 8.45 0.24
N ALA C 29 -19.99 8.82 -0.75
CA ALA C 29 -19.68 7.97 -1.88
C ALA C 29 -18.51 7.05 -1.50
N ALA C 30 -17.86 6.47 -2.50
CA ALA C 30 -16.80 5.49 -2.24
C ALA C 30 -15.58 6.21 -1.68
N GLY C 31 -15.52 6.30 -0.35
CA GLY C 31 -14.43 6.97 0.35
C GLY C 31 -13.50 5.95 0.98
N LYS C 32 -12.25 6.38 1.19
CA LYS C 32 -11.23 5.53 1.77
C LYS C 32 -10.55 6.26 2.92
N THR C 33 -10.43 5.59 4.06
CA THR C 33 -9.72 6.12 5.21
C THR C 33 -8.59 5.15 5.57
N LYS C 34 -7.47 5.71 6.02
CA LYS C 34 -6.28 4.93 6.36
C LYS C 34 -5.78 5.31 7.74
N GLU C 35 -6.69 5.54 8.68
CA GLU C 35 -6.30 5.78 10.06
C GLU C 35 -5.78 4.50 10.70
N GLY C 36 -4.98 4.65 11.74
CA GLY C 36 -4.38 3.49 12.38
C GLY C 36 -2.92 3.32 11.98
N VAL C 37 -2.35 2.17 12.28
CA VAL C 37 -0.95 1.87 11.97
C VAL C 37 -0.90 0.91 10.80
N LEU C 38 -0.18 1.31 9.75
CA LEU C 38 0.04 0.48 8.57
C LEU C 38 1.56 0.34 8.41
N TYR C 39 2.09 -0.84 8.73
CA TYR C 39 3.52 -1.08 8.73
C TYR C 39 3.87 -2.00 7.58
N VAL C 40 4.88 -1.62 6.79
CA VAL C 40 5.43 -2.46 5.72
C VAL C 40 6.93 -2.50 5.90
N GLY C 41 7.49 -3.71 6.02
CA GLY C 41 8.93 -3.83 6.18
C GLY C 41 9.70 -3.47 4.93
N SER C 42 9.23 -3.95 3.77
CA SER C 42 9.86 -3.65 2.50
C SER C 42 8.85 -3.90 1.40
N LYS C 43 8.96 -3.12 0.31
CA LYS C 43 8.02 -3.17 -0.79
C LYS C 43 8.73 -3.21 -2.15
N THR C 44 9.72 -4.07 -2.30
CA THR C 44 10.58 -4.06 -3.48
C THR C 44 9.84 -4.55 -4.72
N LYS C 45 10.20 -3.97 -5.87
CA LYS C 45 9.81 -4.46 -7.19
C LYS C 45 11.09 -4.82 -7.93
N GLU C 46 11.09 -5.96 -8.63
CA GLU C 46 12.32 -6.58 -9.08
C GLU C 46 12.10 -7.23 -10.44
N GLY C 47 12.40 -6.51 -11.51
CA GLY C 47 12.21 -7.05 -12.84
C GLY C 47 10.75 -7.20 -13.20
N VAL C 48 10.05 -6.07 -13.34
CA VAL C 48 8.61 -6.04 -13.54
C VAL C 48 8.29 -5.22 -14.79
N VAL C 49 7.44 -5.77 -15.65
CA VAL C 49 6.88 -5.06 -16.79
C VAL C 49 5.42 -4.75 -16.46
N HIS C 50 5.05 -3.47 -16.57
CA HIS C 50 3.75 -3.01 -16.12
C HIS C 50 3.14 -2.06 -17.15
N GLY C 51 1.88 -2.27 -17.48
CA GLY C 51 1.11 -1.33 -18.26
C GLY C 51 1.55 -1.12 -19.69
N VAL C 52 1.44 -2.16 -20.52
CA VAL C 52 1.73 -2.06 -21.95
C VAL C 52 0.41 -2.11 -22.71
N ALA C 53 0.15 -1.07 -23.51
CA ALA C 53 -1.09 -0.96 -24.26
C ALA C 53 -0.76 -0.66 -25.73
N THR C 54 -1.59 -1.18 -26.63
CA THR C 54 -1.42 -0.97 -28.06
C THR C 54 -2.79 -0.99 -28.74
N VAL C 55 -3.07 0.04 -29.53
CA VAL C 55 -4.34 0.19 -30.23
C VAL C 55 -4.05 0.38 -31.72
N ALA C 56 -4.73 -0.41 -32.55
CA ALA C 56 -4.55 -0.36 -33.99
C ALA C 56 -5.91 -0.28 -34.67
N GLU C 57 -6.07 0.70 -35.54
CA GLU C 57 -7.30 0.90 -36.31
C GLU C 57 -6.99 0.69 -37.79
N LYS C 58 -7.95 0.08 -38.49
CA LYS C 58 -7.81 -0.22 -39.92
C LYS C 58 -6.56 -1.06 -40.18
N THR C 59 -6.55 -2.27 -39.62
CA THR C 59 -5.41 -3.17 -39.68
C THR C 59 -5.78 -4.48 -40.37
N LYS C 60 -5.22 -4.71 -41.54
CA LYS C 60 -5.37 -5.96 -42.26
C LYS C 60 -4.02 -6.66 -42.28
N GLU C 61 -4.02 -7.96 -41.99
CA GLU C 61 -2.77 -8.70 -41.78
C GLU C 61 -2.65 -9.80 -42.82
N GLN C 62 -1.51 -9.82 -43.52
CA GLN C 62 -1.13 -10.91 -44.40
C GLN C 62 0.31 -11.29 -44.10
N VAL C 63 0.54 -12.56 -43.77
CA VAL C 63 1.85 -13.05 -43.38
C VAL C 63 2.20 -14.23 -44.27
N THR C 64 3.38 -14.17 -44.88
CA THR C 64 3.92 -15.28 -45.67
C THR C 64 5.28 -15.64 -45.08
N ASN C 65 5.44 -16.90 -44.69
CA ASN C 65 6.64 -17.36 -44.01
C ASN C 65 7.19 -18.58 -44.71
N VAL C 66 8.50 -18.60 -44.94
CA VAL C 66 9.17 -19.72 -45.60
C VAL C 66 10.37 -20.07 -44.73
N GLY C 67 10.20 -21.03 -43.82
CA GLY C 67 11.29 -21.52 -43.00
C GLY C 67 11.76 -20.58 -41.92
N GLY C 68 11.02 -19.51 -41.64
CA GLY C 68 11.40 -18.55 -40.64
C GLY C 68 10.53 -18.60 -39.40
N ALA C 69 10.57 -17.51 -38.64
CA ALA C 69 9.77 -17.37 -37.43
C ALA C 69 9.12 -15.99 -37.44
N VAL C 70 7.80 -15.95 -37.30
CA VAL C 70 7.04 -14.70 -37.31
C VAL C 70 6.11 -14.69 -36.10
N VAL C 71 6.13 -13.57 -35.38
CA VAL C 71 5.20 -13.32 -34.28
C VAL C 71 4.58 -11.95 -34.51
N THR C 72 3.27 -11.87 -34.41
CA THR C 72 2.54 -10.63 -34.71
C THR C 72 1.83 -10.15 -33.44
N GLY C 73 2.52 -9.28 -32.71
CA GLY C 73 1.93 -8.67 -31.54
C GLY C 73 2.99 -8.07 -30.64
N VAL C 74 2.60 -7.84 -29.39
CA VAL C 74 3.46 -7.17 -28.41
C VAL C 74 4.28 -8.21 -27.67
N THR C 75 5.45 -7.80 -27.17
CA THR C 75 6.34 -8.66 -26.42
C THR C 75 6.65 -8.01 -25.08
N ALA C 76 6.52 -8.77 -24.00
CA ALA C 76 6.79 -8.29 -22.65
C ALA C 76 7.50 -9.39 -21.87
N VAL C 77 8.71 -9.11 -21.40
CA VAL C 77 9.52 -10.07 -20.67
C VAL C 77 9.98 -9.43 -19.36
N ALA C 78 9.72 -10.10 -18.25
CA ALA C 78 10.11 -9.62 -16.92
C ALA C 78 10.84 -10.73 -16.18
N GLN C 79 12.13 -10.55 -15.94
CA GLN C 79 12.96 -11.53 -15.26
C GLN C 79 13.68 -10.88 -14.08
N LYS C 80 13.97 -11.69 -13.07
CA LYS C 80 14.78 -11.23 -11.94
C LYS C 80 16.25 -11.63 -12.09
N THR C 81 16.52 -12.93 -12.18
CA THR C 81 17.87 -13.46 -12.07
C THR C 81 18.13 -14.44 -13.22
N VAL C 82 19.25 -14.22 -13.92
CA VAL C 82 19.69 -15.12 -14.99
C VAL C 82 21.20 -15.27 -14.87
N GLU C 83 21.66 -16.48 -14.59
CA GLU C 83 23.07 -16.81 -14.68
C GLU C 83 23.34 -17.72 -15.87
N GLY C 84 24.60 -17.80 -16.25
CA GLY C 84 25.05 -18.69 -17.29
C GLY C 84 26.00 -17.99 -18.26
N ALA C 85 27.06 -18.70 -18.62
CA ALA C 85 28.04 -18.22 -19.58
C ALA C 85 27.56 -18.50 -21.00
N GLY C 86 27.55 -17.47 -21.83
CA GLY C 86 27.02 -17.62 -23.17
C GLY C 86 25.52 -17.76 -23.24
N SER C 87 24.81 -17.28 -22.23
CA SER C 87 23.37 -17.41 -22.15
C SER C 87 22.69 -16.14 -22.63
N ILE C 88 21.50 -16.32 -23.21
CA ILE C 88 20.67 -15.22 -23.70
C ILE C 88 19.47 -15.10 -22.79
N ALA C 89 19.24 -13.92 -22.23
CA ALA C 89 18.14 -13.69 -21.32
C ALA C 89 16.86 -13.28 -22.04
N ALA C 90 16.94 -12.27 -22.91
CA ALA C 90 15.78 -11.79 -23.65
C ALA C 90 16.17 -11.53 -25.09
N ALA C 91 15.35 -12.02 -26.02
CA ALA C 91 15.63 -11.87 -27.44
C ALA C 91 14.31 -11.75 -28.19
N THR C 92 14.21 -10.73 -29.05
CA THR C 92 13.05 -10.52 -29.91
C THR C 92 13.56 -10.29 -31.32
N GLY C 93 13.16 -11.15 -32.25
CA GLY C 93 13.71 -11.10 -33.59
C GLY C 93 15.20 -11.35 -33.59
N PHE C 94 15.60 -12.55 -33.17
CA PHE C 94 17.01 -12.90 -32.97
C PHE C 94 17.37 -14.02 -33.93
N VAL C 95 18.50 -13.87 -34.62
CA VAL C 95 18.99 -14.88 -35.55
C VAL C 95 20.42 -15.22 -35.13
N LYS C 96 20.66 -16.49 -34.84
CA LYS C 96 21.94 -16.97 -34.32
C LYS C 96 22.49 -18.03 -35.27
N LYS C 97 23.55 -17.69 -36.00
CA LYS C 97 24.25 -18.63 -36.89
C LYS C 97 25.75 -18.53 -36.60
N ASP C 98 26.20 -19.28 -35.61
CA ASP C 98 27.59 -19.26 -35.17
C ASP C 98 28.23 -20.61 -35.44
N GLN C 99 29.43 -20.59 -36.05
CA GLN C 99 30.14 -21.82 -36.31
C GLN C 99 30.81 -22.33 -35.03
N LEU C 100 31.12 -23.62 -35.02
CA LEU C 100 31.80 -24.25 -33.89
C LEU C 100 32.26 -25.66 -34.25
N GLY D 14 -18.07 5.84 -12.35
CA GLY D 14 -19.31 6.50 -11.98
C GLY D 14 -19.58 6.52 -10.50
N VAL D 15 -19.06 7.55 -9.82
CA VAL D 15 -19.21 7.72 -8.39
C VAL D 15 -20.00 9.01 -8.15
N VAL D 16 -21.12 8.89 -7.44
CA VAL D 16 -22.03 10.00 -7.20
C VAL D 16 -22.51 9.98 -5.75
N ALA D 17 -22.46 11.14 -5.09
CA ALA D 17 -23.09 11.35 -3.81
C ALA D 17 -23.94 12.62 -3.89
N ALA D 18 -25.20 12.52 -3.47
CA ALA D 18 -26.13 13.61 -3.71
C ALA D 18 -27.04 13.80 -2.51
N ALA D 19 -27.54 15.04 -2.36
CA ALA D 19 -28.52 15.36 -1.34
C ALA D 19 -29.35 16.54 -1.84
N GLU D 20 -30.48 16.25 -2.46
CA GLU D 20 -31.37 17.26 -3.01
C GLU D 20 -32.60 17.45 -2.13
N LYS D 21 -33.23 18.63 -2.27
CA LYS D 21 -34.50 18.94 -1.61
C LYS D 21 -34.40 18.77 -0.09
N THR D 22 -33.24 19.13 0.46
CA THR D 22 -33.00 19.00 1.89
C THR D 22 -32.97 20.38 2.53
N LYS D 23 -33.10 20.41 3.86
CA LYS D 23 -32.77 21.61 4.61
C LYS D 23 -31.28 21.68 4.89
N GLN D 24 -30.65 20.51 5.09
CA GLN D 24 -29.21 20.40 5.30
C GLN D 24 -28.71 19.20 4.53
N GLY D 25 -27.81 19.44 3.58
CA GLY D 25 -27.24 18.34 2.80
C GLY D 25 -25.73 18.32 2.85
N VAL D 26 -25.16 17.14 3.03
CA VAL D 26 -23.72 16.95 3.11
C VAL D 26 -23.36 15.83 2.15
N ALA D 27 -22.88 16.17 0.96
CA ALA D 27 -22.46 15.21 -0.04
C ALA D 27 -20.94 15.10 -0.01
N GLU D 28 -20.44 13.87 -0.01
CA GLU D 28 -19.02 13.59 0.07
C GLU D 28 -18.66 12.52 -0.95
N ALA D 29 -17.96 12.92 -2.00
CA ALA D 29 -17.59 12.02 -3.09
C ALA D 29 -16.39 11.18 -2.69
N ALA D 30 -15.73 10.56 -3.66
CA ALA D 30 -14.65 9.62 -3.38
C ALA D 30 -13.46 10.39 -2.82
N GLY D 31 -13.33 10.39 -1.50
CA GLY D 31 -12.28 11.11 -0.80
C GLY D 31 -11.39 10.15 -0.05
N LYS D 32 -10.09 10.47 0.00
CA LYS D 32 -9.10 9.61 0.64
C LYS D 32 -8.45 10.35 1.80
N THR D 33 -8.30 9.66 2.92
CA THR D 33 -7.61 10.19 4.09
C THR D 33 -6.52 9.22 4.51
N LYS D 34 -5.45 9.76 5.09
CA LYS D 34 -4.31 8.97 5.55
C LYS D 34 -3.91 9.37 6.97
N GLU D 35 -4.89 9.55 7.85
CA GLU D 35 -4.67 10.15 9.17
C GLU D 35 -4.28 9.07 10.18
N GLY D 36 -3.07 8.57 10.04
CA GLY D 36 -2.55 7.59 10.98
C GLY D 36 -1.05 7.54 10.91
N VAL D 37 -0.49 6.38 11.23
CA VAL D 37 0.94 6.12 11.08
C VAL D 37 1.10 5.13 9.93
N LEU D 38 1.77 5.55 8.88
CA LEU D 38 2.02 4.72 7.69
C LEU D 38 3.54 4.60 7.55
N TYR D 39 4.07 3.45 7.95
CA TYR D 39 5.51 3.22 7.96
C TYR D 39 5.89 2.26 6.85
N VAL D 40 6.91 2.63 6.08
CA VAL D 40 7.48 1.78 5.05
C VAL D 40 9.00 1.74 5.24
N GLY D 41 9.56 0.54 5.42
CA GLY D 41 10.99 0.44 5.60
C GLY D 41 11.77 0.81 4.35
N SER D 42 11.33 0.32 3.19
CA SER D 42 11.97 0.63 1.93
C SER D 42 10.99 0.35 0.80
N LYS D 43 11.10 1.13 -0.26
CA LYS D 43 10.16 1.09 -1.39
C LYS D 43 10.92 1.07 -2.71
N THR D 44 11.93 0.22 -2.80
CA THR D 44 12.75 0.16 -4.00
C THR D 44 11.99 -0.48 -5.17
N LYS D 45 12.37 -0.09 -6.38
CA LYS D 45 11.96 -0.77 -7.59
C LYS D 45 13.17 -0.86 -8.51
N GLU D 46 13.37 -2.02 -9.11
CA GLU D 46 14.67 -2.39 -9.67
C GLU D 46 14.46 -3.08 -11.01
N GLY D 47 14.87 -2.43 -12.09
CA GLY D 47 14.68 -2.99 -13.41
C GLY D 47 13.22 -3.11 -13.78
N VAL D 48 12.53 -1.98 -13.90
CA VAL D 48 11.08 -1.95 -14.10
C VAL D 48 10.78 -1.15 -15.36
N VAL D 49 9.95 -1.73 -16.24
CA VAL D 49 9.41 -1.03 -17.41
C VAL D 49 7.95 -0.73 -17.11
N HIS D 50 7.56 0.53 -17.24
CA HIS D 50 6.24 0.98 -16.83
C HIS D 50 5.66 1.93 -17.88
N GLY D 51 4.40 1.72 -18.23
CA GLY D 51 3.67 2.66 -19.05
C GLY D 51 4.16 2.84 -20.47
N VAL D 52 4.02 1.80 -21.29
CA VAL D 52 4.35 1.87 -22.71
C VAL D 52 3.05 1.81 -23.50
N ALA D 53 2.83 2.78 -24.38
CA ALA D 53 1.60 2.88 -25.16
C ALA D 53 1.94 3.16 -26.61
N THR D 54 1.10 2.65 -27.52
CA THR D 54 1.28 2.87 -28.95
C THR D 54 -0.09 2.88 -29.63
N VAL D 55 -0.30 3.87 -30.50
CA VAL D 55 -1.54 4.01 -31.26
C VAL D 55 -1.18 4.10 -32.74
N ALA D 56 -1.84 3.30 -33.57
CA ALA D 56 -1.57 3.26 -34.99
C ALA D 56 -2.87 3.29 -35.77
N GLU D 57 -3.01 4.29 -36.64
CA GLU D 57 -4.17 4.43 -37.51
C GLU D 57 -3.71 4.29 -38.96
N LYS D 58 -4.56 3.66 -39.78
CA LYS D 58 -4.26 3.42 -41.19
C LYS D 58 -2.96 2.62 -41.35
N THR D 59 -2.96 1.41 -40.77
CA THR D 59 -1.83 0.50 -40.86
C THR D 59 -2.33 -0.85 -41.39
N LYS D 60 -2.02 -1.13 -42.65
CA LYS D 60 -2.33 -2.42 -43.26
C LYS D 60 -1.03 -3.10 -43.62
N GLU D 61 -0.57 -3.98 -42.75
CA GLU D 61 0.78 -4.52 -42.80
C GLU D 61 0.79 -5.85 -43.54
N GLN D 62 1.74 -5.99 -44.46
CA GLN D 62 2.01 -7.24 -45.16
C GLN D 62 3.44 -7.65 -44.83
N VAL D 63 3.63 -8.90 -44.44
CA VAL D 63 4.92 -9.40 -44.00
C VAL D 63 5.29 -10.59 -44.88
N THR D 64 6.48 -10.53 -45.47
CA THR D 64 7.05 -11.64 -46.23
C THR D 64 8.39 -12.00 -45.61
N ASN D 65 8.54 -13.24 -45.17
CA ASN D 65 9.73 -13.69 -44.47
C ASN D 65 10.29 -14.92 -45.16
N VAL D 66 11.60 -14.91 -45.42
CA VAL D 66 12.29 -16.03 -46.05
C VAL D 66 13.47 -16.38 -45.16
N GLY D 67 13.26 -17.29 -44.21
CA GLY D 67 14.34 -17.75 -43.36
C GLY D 67 14.77 -16.79 -42.27
N GLY D 68 14.04 -15.70 -42.07
CA GLY D 68 14.38 -14.70 -41.09
C GLY D 68 13.53 -14.77 -39.84
N ALA D 69 13.58 -13.69 -39.06
CA ALA D 69 12.78 -13.54 -37.86
C ALA D 69 12.11 -12.18 -37.88
N VAL D 70 10.78 -12.16 -37.78
CA VAL D 70 10.02 -10.93 -37.81
C VAL D 70 9.08 -10.90 -36.62
N VAL D 71 9.08 -9.78 -35.89
CA VAL D 71 8.13 -9.53 -34.82
C VAL D 71 7.52 -8.15 -35.06
N THR D 72 6.21 -8.05 -34.94
CA THR D 72 5.49 -6.81 -35.22
C THR D 72 4.77 -6.36 -33.95
N GLY D 73 5.42 -5.50 -33.18
CA GLY D 73 4.80 -4.91 -32.01
C GLY D 73 5.82 -4.28 -31.10
N VAL D 74 5.35 -3.95 -29.90
CA VAL D 74 6.20 -3.30 -28.91
C VAL D 74 7.06 -4.37 -28.22
N THR D 75 8.23 -3.95 -27.74
CA THR D 75 9.12 -4.82 -26.97
C THR D 75 9.44 -4.13 -25.66
N ALA D 76 9.21 -4.85 -24.55
CA ALA D 76 9.46 -4.33 -23.21
C ALA D 76 10.14 -5.42 -22.38
N VAL D 77 11.37 -5.17 -21.96
CA VAL D 77 12.17 -6.11 -21.19
C VAL D 77 12.56 -5.45 -19.88
N ALA D 78 12.33 -6.16 -18.77
CA ALA D 78 12.65 -5.65 -17.44
C ALA D 78 13.39 -6.73 -16.67
N GLN D 79 14.67 -6.49 -16.37
CA GLN D 79 15.52 -7.45 -15.70
C GLN D 79 16.20 -6.79 -14.50
N LYS D 80 16.53 -7.61 -13.50
CA LYS D 80 17.28 -7.15 -12.35
C LYS D 80 18.77 -7.51 -12.44
N THR D 81 19.09 -8.79 -12.60
CA THR D 81 20.46 -9.26 -12.55
C THR D 81 20.69 -10.29 -13.64
N VAL D 82 21.76 -10.11 -14.40
CA VAL D 82 22.20 -11.07 -15.41
C VAL D 82 23.69 -11.29 -15.19
N GLU D 83 24.08 -12.54 -14.96
CA GLU D 83 25.47 -12.94 -14.82
C GLU D 83 25.92 -13.67 -16.08
N GLY D 84 27.24 -13.83 -16.20
CA GLY D 84 27.79 -14.67 -17.26
C GLY D 84 28.75 -13.97 -18.18
N ALA D 85 29.81 -14.67 -18.56
CA ALA D 85 30.77 -14.17 -19.54
C ALA D 85 30.27 -14.50 -20.95
N GLY D 86 30.28 -13.50 -21.82
CA GLY D 86 29.79 -13.70 -23.18
C GLY D 86 28.29 -13.83 -23.28
N SER D 87 27.55 -13.36 -22.29
CA SER D 87 26.10 -13.47 -22.28
C SER D 87 25.45 -12.23 -22.86
N ILE D 88 24.22 -12.39 -23.35
CA ILE D 88 23.42 -11.29 -23.86
C ILE D 88 22.17 -11.17 -22.99
N ALA D 89 21.91 -9.96 -22.49
CA ALA D 89 20.78 -9.74 -21.59
C ALA D 89 19.52 -9.34 -22.35
N ALA D 90 19.61 -8.37 -23.24
CA ALA D 90 18.45 -7.91 -24.00
C ALA D 90 18.87 -7.64 -25.44
N ALA D 91 18.07 -8.15 -26.38
CA ALA D 91 18.40 -8.02 -27.79
C ALA D 91 17.11 -7.91 -28.60
N THR D 92 17.04 -6.90 -29.46
CA THR D 92 15.90 -6.69 -30.35
C THR D 92 16.45 -6.45 -31.75
N GLY D 93 16.05 -7.30 -32.70
CA GLY D 93 16.60 -7.23 -34.04
C GLY D 93 18.08 -7.55 -34.07
N PHE D 94 18.47 -8.62 -33.38
CA PHE D 94 19.87 -8.99 -33.20
C PHE D 94 20.21 -10.09 -34.20
N VAL D 95 21.38 -9.98 -34.83
CA VAL D 95 21.89 -10.99 -35.74
C VAL D 95 23.30 -11.34 -35.30
N LYS D 96 23.52 -12.61 -34.98
CA LYS D 96 24.78 -13.10 -34.42
C LYS D 96 25.36 -14.14 -35.35
N LYS D 97 26.49 -13.83 -35.98
CA LYS D 97 27.22 -14.77 -36.84
C LYS D 97 28.70 -14.68 -36.47
N ASP D 98 29.12 -15.48 -35.48
CA ASP D 98 30.48 -15.46 -34.98
C ASP D 98 31.19 -16.75 -35.37
N GLN D 99 32.38 -16.62 -35.94
CA GLN D 99 33.18 -17.79 -36.28
C GLN D 99 33.95 -18.27 -35.06
N LEU D 100 34.38 -19.53 -35.11
CA LEU D 100 35.15 -20.13 -34.03
C LEU D 100 35.79 -21.45 -34.46
N GLY E 14 -15.57 9.73 -13.42
CA GLY E 14 -16.81 10.44 -13.22
C GLY E 14 -17.20 10.55 -11.75
N VAL E 15 -16.58 11.49 -11.05
CA VAL E 15 -16.82 11.72 -9.63
C VAL E 15 -17.65 12.99 -9.48
N VAL E 16 -18.79 12.87 -8.82
CA VAL E 16 -19.74 13.98 -8.68
C VAL E 16 -20.28 14.00 -7.25
N ALA E 17 -20.28 15.19 -6.64
CA ALA E 17 -20.97 15.42 -5.38
C ALA E 17 -21.74 16.74 -5.49
N ALA E 18 -23.00 16.72 -5.07
CA ALA E 18 -23.85 17.89 -5.21
C ALA E 18 -24.84 17.95 -4.06
N ALA E 19 -25.31 19.17 -3.78
CA ALA E 19 -26.36 19.40 -2.79
C ALA E 19 -27.14 20.65 -3.24
N GLU E 20 -28.24 20.43 -3.95
CA GLU E 20 -29.05 21.50 -4.49
C GLU E 20 -30.43 21.52 -3.83
N LYS E 21 -31.12 22.64 -3.99
CA LYS E 21 -32.40 22.89 -3.33
C LYS E 21 -32.26 22.76 -1.82
N THR E 22 -31.12 23.20 -1.30
CA THR E 22 -30.81 23.11 0.12
C THR E 22 -30.77 24.49 0.74
N LYS E 23 -31.16 24.58 2.00
CA LYS E 23 -30.89 25.79 2.77
C LYS E 23 -29.42 25.84 3.18
N GLN E 24 -28.80 24.67 3.34
CA GLN E 24 -27.37 24.55 3.64
C GLN E 24 -26.85 23.33 2.89
N GLY E 25 -25.82 23.54 2.09
CA GLY E 25 -25.24 22.47 1.30
C GLY E 25 -23.73 22.47 1.37
N VAL E 26 -23.16 21.29 1.50
CA VAL E 26 -21.71 21.10 1.54
C VAL E 26 -21.38 19.94 0.60
N ALA E 27 -20.74 20.26 -0.52
CA ALA E 27 -20.36 19.26 -1.51
C ALA E 27 -18.85 19.15 -1.55
N GLU E 28 -18.34 17.93 -1.63
CA GLU E 28 -16.91 17.67 -1.61
C GLU E 28 -16.55 16.66 -2.68
N ALA E 29 -15.72 17.09 -3.63
CA ALA E 29 -15.27 16.22 -4.72
C ALA E 29 -14.13 15.35 -4.22
N ALA E 30 -13.39 14.74 -5.15
CA ALA E 30 -12.32 13.81 -4.78
C ALA E 30 -11.19 14.58 -4.12
N GLY E 31 -11.16 14.56 -2.79
CA GLY E 31 -10.18 15.26 -1.99
C GLY E 31 -9.27 14.27 -1.29
N LYS E 32 -8.01 14.68 -1.10
CA LYS E 32 -7.02 13.83 -0.46
C LYS E 32 -6.40 14.59 0.71
N THR E 33 -6.31 13.92 1.86
CA THR E 33 -5.67 14.47 3.04
C THR E 33 -4.54 13.54 3.47
N LYS E 34 -3.44 14.14 3.92
CA LYS E 34 -2.25 13.38 4.30
C LYS E 34 -1.73 13.79 5.68
N GLU E 35 -2.64 13.96 6.64
CA GLU E 35 -2.23 14.24 8.00
C GLU E 35 -1.73 12.96 8.67
N GLY E 36 -1.05 13.12 9.79
CA GLY E 36 -0.43 12.00 10.47
C GLY E 36 1.04 11.90 10.17
N VAL E 37 1.59 10.71 10.43
CA VAL E 37 3.00 10.44 10.22
C VAL E 37 3.14 9.40 9.12
N LEU E 38 3.72 9.81 7.99
CA LEU E 38 4.07 8.91 6.90
C LEU E 38 5.59 8.83 6.84
N TYR E 39 6.14 7.65 7.11
CA TYR E 39 7.58 7.45 7.17
C TYR E 39 8.00 6.49 6.07
N VAL E 40 9.04 6.85 5.33
CA VAL E 40 9.64 6.00 4.31
C VAL E 40 11.14 5.99 4.55
N GLY E 41 11.71 4.80 4.76
CA GLY E 41 13.15 4.71 4.95
C GLY E 41 13.94 5.07 3.70
N SER E 42 13.50 4.57 2.55
CA SER E 42 14.16 4.86 1.28
C SER E 42 13.17 4.60 0.16
N LYS E 43 13.31 5.36 -0.92
CA LYS E 43 12.39 5.32 -2.05
C LYS E 43 13.18 5.26 -3.37
N THR E 44 14.16 4.38 -3.41
CA THR E 44 15.06 4.29 -4.56
C THR E 44 14.35 3.66 -5.76
N LYS E 45 14.75 4.09 -6.95
CA LYS E 45 14.41 3.43 -8.20
C LYS E 45 15.62 3.51 -9.12
N GLU E 46 16.05 2.36 -9.63
CA GLU E 46 17.26 2.28 -10.42
C GLU E 46 17.05 1.34 -11.60
N GLY E 47 17.39 1.82 -12.79
CA GLY E 47 17.17 1.06 -14.00
C GLY E 47 15.70 0.95 -14.34
N VAL E 48 15.03 2.08 -14.50
CA VAL E 48 13.60 2.13 -14.72
C VAL E 48 13.30 2.92 -15.99
N VAL E 49 12.47 2.33 -16.85
CA VAL E 49 11.94 3.01 -18.03
C VAL E 49 10.48 3.30 -17.78
N HIS E 50 10.07 4.56 -17.98
CA HIS E 50 8.74 5.00 -17.62
C HIS E 50 8.20 5.96 -18.67
N GLY E 51 6.95 5.74 -19.09
CA GLY E 51 6.26 6.68 -19.95
C GLY E 51 6.80 6.80 -21.35
N VAL E 52 6.64 5.75 -22.15
CA VAL E 52 7.01 5.76 -23.56
C VAL E 52 5.74 5.69 -24.38
N ALA E 53 5.57 6.62 -25.31
CA ALA E 53 4.37 6.71 -26.14
C ALA E 53 4.75 6.91 -27.59
N THR E 54 3.88 6.47 -28.49
CA THR E 54 4.11 6.60 -29.93
C THR E 54 2.76 6.63 -30.64
N VAL E 55 2.55 7.62 -31.50
CA VAL E 55 1.33 7.78 -32.26
C VAL E 55 1.68 7.88 -33.74
N ALA E 56 1.00 7.09 -34.57
CA ALA E 56 1.21 7.11 -36.01
C ALA E 56 -0.14 7.23 -36.71
N GLU E 57 -0.24 8.19 -37.63
CA GLU E 57 -1.47 8.44 -38.36
C GLU E 57 -1.17 8.48 -39.85
N LYS E 58 -1.80 7.59 -40.61
CA LYS E 58 -1.69 7.56 -42.08
C LYS E 58 -0.24 7.44 -42.53
N THR E 59 0.52 6.60 -41.84
CA THR E 59 1.87 6.28 -42.28
C THR E 59 1.83 5.18 -43.34
N LYS E 60 2.96 5.01 -44.03
CA LYS E 60 3.06 4.09 -45.16
C LYS E 60 4.28 3.20 -45.01
N GLU E 61 4.04 1.93 -44.64
CA GLU E 61 5.11 0.94 -44.58
C GLU E 61 4.58 -0.49 -44.71
N GLN E 62 5.49 -1.40 -45.09
CA GLN E 62 5.20 -2.82 -45.23
C GLN E 62 6.55 -3.54 -45.29
N VAL E 63 6.61 -4.79 -44.81
CA VAL E 63 7.87 -5.41 -44.44
C VAL E 63 8.12 -6.62 -45.34
N THR E 64 9.31 -6.67 -45.94
CA THR E 64 9.82 -7.84 -46.62
C THR E 64 11.21 -8.13 -46.09
N ASN E 65 11.46 -9.39 -45.71
CA ASN E 65 12.68 -9.80 -45.03
C ASN E 65 13.25 -11.04 -45.69
N VAL E 66 14.57 -11.07 -45.84
CA VAL E 66 15.28 -12.20 -46.44
C VAL E 66 16.44 -12.52 -45.51
N GLY E 67 16.26 -13.52 -44.64
CA GLY E 67 17.31 -14.00 -43.79
C GLY E 67 17.78 -13.04 -42.71
N GLY E 68 17.07 -11.95 -42.48
CA GLY E 68 17.44 -10.96 -41.49
C GLY E 68 16.58 -11.02 -40.24
N ALA E 69 16.57 -9.91 -39.51
CA ALA E 69 15.76 -9.76 -38.32
C ALA E 69 15.10 -8.38 -38.35
N VAL E 70 13.78 -8.35 -38.27
CA VAL E 70 13.02 -7.11 -38.32
C VAL E 70 12.06 -7.08 -37.15
N VAL E 71 12.06 -5.97 -36.41
CA VAL E 71 11.09 -5.71 -35.35
C VAL E 71 10.43 -4.37 -35.64
N THR E 72 9.11 -4.33 -35.53
CA THR E 72 8.32 -3.16 -35.89
C THR E 72 7.68 -2.61 -34.62
N GLY E 73 8.14 -1.44 -34.19
CA GLY E 73 7.58 -0.79 -33.02
C GLY E 73 8.65 -0.05 -32.25
N VAL E 74 8.46 0.00 -30.94
CA VAL E 74 9.39 0.66 -30.04
C VAL E 74 10.00 -0.38 -29.11
N THR E 75 11.09 0.01 -28.45
CA THR E 75 11.81 -0.86 -27.54
C THR E 75 12.05 -0.16 -26.22
N ALA E 76 11.91 -0.89 -25.11
CA ALA E 76 12.13 -0.36 -23.78
C ALA E 76 12.80 -1.43 -22.93
N VAL E 77 14.02 -1.18 -22.49
CA VAL E 77 14.81 -2.13 -21.71
C VAL E 77 15.20 -1.48 -20.40
N ALA E 78 14.90 -2.14 -19.28
CA ALA E 78 15.23 -1.66 -17.95
C ALA E 78 15.98 -2.74 -17.20
N GLN E 79 17.22 -2.44 -16.81
CA GLN E 79 18.07 -3.40 -16.11
C GLN E 79 18.70 -2.72 -14.90
N LYS E 80 18.85 -3.49 -13.82
CA LYS E 80 19.50 -2.96 -12.62
C LYS E 80 21.02 -3.17 -12.67
N THR E 81 21.46 -4.42 -12.86
CA THR E 81 22.88 -4.70 -12.95
C THR E 81 23.11 -5.86 -13.92
N VAL E 82 24.15 -5.72 -14.73
CA VAL E 82 24.60 -6.78 -15.64
C VAL E 82 26.09 -6.94 -15.44
N GLU E 83 26.52 -8.14 -15.04
CA GLU E 83 27.93 -8.45 -14.85
C GLU E 83 28.39 -9.51 -15.85
N GLY E 84 29.71 -9.60 -16.01
CA GLY E 84 30.30 -10.53 -16.94
C GLY E 84 31.24 -9.86 -17.91
N ALA E 85 32.20 -10.62 -18.43
CA ALA E 85 33.19 -10.10 -19.37
C ALA E 85 32.81 -10.49 -20.79
N GLY E 86 32.93 -9.53 -21.71
CA GLY E 86 32.53 -9.76 -23.08
C GLY E 86 31.03 -9.86 -23.29
N SER E 87 30.24 -9.36 -22.35
CA SER E 87 28.78 -9.48 -22.42
C SER E 87 28.17 -8.23 -23.06
N ILE E 88 26.94 -8.39 -23.52
CA ILE E 88 26.14 -7.29 -24.08
C ILE E 88 24.88 -7.15 -23.24
N ALA E 89 24.61 -5.93 -22.79
CA ALA E 89 23.47 -5.66 -21.91
C ALA E 89 22.21 -5.34 -22.70
N ALA E 90 22.26 -4.30 -23.54
CA ALA E 90 21.12 -3.89 -24.34
C ALA E 90 21.57 -3.65 -25.76
N ALA E 91 20.84 -4.20 -26.73
CA ALA E 91 21.22 -4.11 -28.14
C ALA E 91 19.95 -4.03 -28.98
N THR E 92 19.83 -2.97 -29.77
CA THR E 92 18.72 -2.79 -30.70
C THR E 92 19.29 -2.58 -32.09
N GLY E 93 18.87 -3.43 -33.04
CA GLY E 93 19.42 -3.37 -34.38
C GLY E 93 20.91 -3.66 -34.40
N PHE E 94 21.30 -4.73 -33.71
CA PHE E 94 22.71 -5.06 -33.50
C PHE E 94 23.09 -6.20 -34.44
N VAL E 95 24.26 -6.09 -35.05
CA VAL E 95 24.80 -7.12 -35.93
C VAL E 95 26.19 -7.46 -35.42
N LYS E 96 26.44 -8.74 -35.15
CA LYS E 96 27.65 -9.20 -34.48
C LYS E 96 28.29 -10.28 -35.34
N LYS E 97 29.25 -9.90 -36.18
CA LYS E 97 30.02 -10.83 -37.00
C LYS E 97 31.49 -10.65 -36.66
N ASP E 98 31.97 -11.38 -35.66
CA ASP E 98 33.35 -11.30 -35.22
C ASP E 98 34.01 -12.67 -35.40
N GLN E 99 35.05 -12.72 -36.23
CA GLN E 99 35.84 -13.94 -36.34
C GLN E 99 36.64 -14.16 -35.06
N LEU E 100 36.82 -15.43 -34.72
CA LEU E 100 37.57 -15.79 -33.51
C LEU E 100 38.59 -16.88 -33.81
N VAL F 37 -36.35 10.37 22.18
CA VAL F 37 -37.63 10.04 21.57
C VAL F 37 -37.45 9.13 20.37
N LEU F 38 -36.53 9.50 19.48
CA LEU F 38 -36.22 8.72 18.28
C LEU F 38 -34.70 8.68 18.12
N TYR F 39 -34.09 7.57 18.52
CA TYR F 39 -32.65 7.42 18.49
C TYR F 39 -32.29 6.19 17.66
N VAL F 40 -31.43 6.38 16.67
CA VAL F 40 -30.87 5.30 15.87
C VAL F 40 -29.37 5.32 16.04
N GLY F 41 -28.82 4.28 16.67
CA GLY F 41 -27.39 4.17 16.82
C GLY F 41 -26.82 3.01 16.02
N SER F 42 -26.07 3.34 14.96
CA SER F 42 -25.51 2.33 14.07
C SER F 42 -24.00 2.32 14.21
N LYS F 43 -23.46 1.19 14.67
CA LYS F 43 -22.01 0.96 14.73
C LYS F 43 -21.31 2.03 15.57
N THR F 44 -21.87 2.32 16.74
CA THR F 44 -21.30 3.30 17.64
C THR F 44 -20.39 2.60 18.66
N LYS F 45 -19.26 3.24 18.97
CA LYS F 45 -18.26 2.70 19.88
C LYS F 45 -18.12 3.59 21.09
N GLU F 46 -18.10 2.98 22.28
CA GLU F 46 -17.89 3.70 23.53
C GLU F 46 -17.03 2.83 24.44
N GLY F 47 -15.85 3.33 24.81
CA GLY F 47 -14.92 2.56 25.61
C GLY F 47 -14.46 1.30 24.90
N VAL F 48 -13.83 1.45 23.74
CA VAL F 48 -13.47 0.33 22.88
C VAL F 48 -11.98 0.41 22.56
N VAL F 49 -11.27 -0.70 22.75
CA VAL F 49 -9.89 -0.86 22.32
C VAL F 49 -9.84 -1.99 21.30
N HIS F 50 -9.28 -1.72 20.13
CA HIS F 50 -9.08 -2.75 19.13
C HIS F 50 -7.87 -2.41 18.29
N GLY F 51 -7.22 -3.44 17.76
CA GLY F 51 -6.06 -3.24 16.93
C GLY F 51 -4.82 -2.82 17.67
N VAL F 52 -4.41 -3.63 18.65
CA VAL F 52 -3.17 -3.43 19.40
C VAL F 52 -2.29 -4.64 19.18
N ALA F 53 -1.05 -4.41 18.74
CA ALA F 53 -0.16 -5.50 18.41
C ALA F 53 1.28 -5.11 18.70
N THR F 54 2.10 -6.11 19.02
CA THR F 54 3.54 -5.96 19.13
C THR F 54 4.23 -7.08 18.36
N VAL F 55 5.29 -6.73 17.64
CA VAL F 55 6.07 -7.68 16.87
C VAL F 55 7.52 -7.61 17.36
N ALA F 56 8.06 -8.75 17.75
CA ALA F 56 9.43 -8.84 18.22
C ALA F 56 10.17 -9.93 17.46
N GLU F 57 11.42 -9.65 17.11
CA GLU F 57 12.24 -10.59 16.37
C GLU F 57 13.69 -10.46 16.83
N LYS F 58 14.34 -11.60 17.05
CA LYS F 58 15.74 -11.64 17.49
C LYS F 58 15.95 -10.77 18.74
N THR F 59 14.99 -10.85 19.66
CA THR F 59 14.99 -10.02 20.85
C THR F 59 15.27 -10.87 22.08
N LYS F 60 16.25 -10.46 22.87
CA LYS F 60 16.56 -11.09 24.15
C LYS F 60 16.35 -10.08 25.26
N GLU F 61 15.97 -10.56 26.43
CA GLU F 61 15.59 -9.67 27.52
C GLU F 61 15.95 -10.34 28.85
N GLN F 62 16.36 -9.51 29.81
CA GLN F 62 16.74 -9.96 31.14
C GLN F 62 16.12 -9.04 32.17
N VAL F 63 15.45 -9.61 33.17
CA VAL F 63 14.83 -8.85 34.25
C VAL F 63 15.16 -9.52 35.56
N THR F 64 15.59 -8.73 36.54
CA THR F 64 15.87 -9.21 37.90
C THR F 64 15.35 -8.14 38.85
N ASN F 65 14.16 -8.38 39.40
CA ASN F 65 13.49 -7.43 40.28
C ASN F 65 13.33 -7.99 41.68
N VAL F 66 13.45 -7.13 42.68
CA VAL F 66 13.40 -7.51 44.09
C VAL F 66 12.43 -6.56 44.79
N GLY F 67 11.22 -7.05 45.06
CA GLY F 67 10.24 -6.23 45.72
C GLY F 67 9.56 -5.21 44.84
N GLY F 68 9.78 -5.28 43.53
CA GLY F 68 9.23 -4.31 42.60
C GLY F 68 8.29 -4.95 41.59
N ALA F 69 7.96 -4.17 40.58
CA ALA F 69 7.05 -4.59 39.52
C ALA F 69 7.69 -4.34 38.17
N VAL F 70 7.65 -5.35 37.30
CA VAL F 70 8.18 -5.24 35.94
C VAL F 70 7.09 -5.70 34.99
N VAL F 71 6.75 -4.85 34.02
CA VAL F 71 5.76 -5.18 32.99
C VAL F 71 6.44 -5.09 31.64
N THR F 72 6.34 -6.16 30.86
CA THR F 72 6.86 -6.18 29.50
C THR F 72 5.82 -6.64 28.49
N GLY F 73 4.62 -7.03 28.94
CA GLY F 73 3.58 -7.51 28.07
C GLY F 73 2.57 -6.42 27.70
N VAL F 74 1.60 -6.82 26.90
CA VAL F 74 0.59 -5.89 26.39
C VAL F 74 -0.62 -5.92 27.32
N THR F 75 -1.11 -4.74 27.66
CA THR F 75 -2.37 -4.59 28.38
C THR F 75 -3.31 -3.73 27.53
N ALA F 76 -4.52 -4.22 27.31
CA ALA F 76 -5.53 -3.53 26.50
C ALA F 76 -6.83 -3.53 27.29
N VAL F 77 -7.15 -2.38 27.90
CA VAL F 77 -8.29 -2.26 28.80
C VAL F 77 -9.29 -1.30 28.20
N ALA F 78 -10.56 -1.73 28.14
CA ALA F 78 -11.65 -0.92 27.63
C ALA F 78 -12.77 -0.95 28.64
N GLN F 79 -13.12 0.22 29.18
CA GLN F 79 -14.09 0.33 30.27
C GLN F 79 -15.18 1.31 29.89
N LYS F 80 -16.43 0.95 30.24
CA LYS F 80 -17.58 1.81 30.03
C LYS F 80 -18.48 1.66 31.25
N THR F 81 -18.61 2.71 32.04
CA THR F 81 -19.37 2.68 33.29
C THR F 81 -20.47 3.72 33.26
N VAL F 82 -21.62 3.37 33.80
CA VAL F 82 -22.77 4.26 33.91
C VAL F 82 -23.11 4.42 35.39
N GLU F 83 -23.30 5.67 35.82
CA GLU F 83 -23.66 5.98 37.21
C GLU F 83 -22.64 5.44 38.20
N GLY F 84 -21.37 5.47 37.81
CA GLY F 84 -20.30 5.06 38.70
C GLY F 84 -19.23 6.13 38.85
N ALA F 85 -19.08 6.66 40.06
CA ALA F 85 -18.15 7.74 40.33
C ALA F 85 -16.86 7.18 40.90
N GLY F 86 -15.73 7.62 40.35
CA GLY F 86 -14.43 7.17 40.82
C GLY F 86 -14.06 5.79 40.32
N SER F 87 -14.00 5.62 39.01
CA SER F 87 -13.72 4.34 38.39
C SER F 87 -12.35 4.40 37.70
N ILE F 88 -11.51 3.43 38.01
CA ILE F 88 -10.20 3.28 37.39
C ILE F 88 -10.29 2.18 36.33
N ALA F 89 -9.73 2.44 35.15
CA ALA F 89 -9.77 1.46 34.08
C ALA F 89 -8.54 0.54 34.11
N ALA F 90 -7.34 1.13 34.19
CA ALA F 90 -6.11 0.35 34.24
C ALA F 90 -5.22 0.86 35.37
N ALA F 91 -4.55 -0.08 36.02
CA ALA F 91 -3.60 0.21 37.10
C ALA F 91 -2.33 -0.61 36.91
N THR F 92 -1.80 -0.60 35.68
CA THR F 92 -0.69 -1.48 35.33
C THR F 92 0.60 -1.08 36.05
N GLY F 93 1.36 -2.09 36.47
CA GLY F 93 2.74 -1.94 36.89
C GLY F 93 3.08 -0.89 37.92
N PHE F 94 2.68 -1.10 39.17
CA PHE F 94 2.99 -0.15 40.23
C PHE F 94 3.44 -0.87 41.49
N VAL F 95 3.79 -0.06 42.49
CA VAL F 95 4.08 -0.53 43.85
C VAL F 95 3.52 0.54 44.79
N LYS F 96 2.55 0.17 45.60
CA LYS F 96 1.87 1.10 46.49
C LYS F 96 2.03 0.63 47.93
N LYS F 97 2.50 1.52 48.80
CA LYS F 97 2.77 1.20 50.19
C LYS F 97 2.24 2.30 51.10
N ASP F 98 0.99 2.70 50.87
CA ASP F 98 0.37 3.77 51.64
C ASP F 98 0.33 3.41 53.12
N GLN F 99 0.12 4.44 53.95
CA GLN F 99 0.06 4.27 55.39
C GLN F 99 -1.29 4.70 55.95
N VAL G 37 -34.72 14.53 20.51
CA VAL G 37 -36.00 14.30 19.85
C VAL G 37 -35.81 13.41 18.63
N LEU G 38 -34.81 13.74 17.82
CA LEU G 38 -34.51 12.99 16.59
C LEU G 38 -32.98 12.95 16.45
N TYR G 39 -32.38 11.86 16.90
CA TYR G 39 -30.93 11.70 16.91
C TYR G 39 -30.56 10.49 16.07
N VAL G 40 -29.63 10.68 15.14
CA VAL G 40 -29.05 9.59 14.35
C VAL G 40 -27.55 9.63 14.57
N GLY G 41 -27.00 8.55 15.12
CA GLY G 41 -25.57 8.46 15.34
C GLY G 41 -24.96 7.27 14.60
N SER G 42 -24.13 7.56 13.60
CA SER G 42 -23.56 6.54 12.74
C SER G 42 -22.05 6.55 12.88
N LYS G 43 -21.47 5.42 13.28
CA LYS G 43 -20.01 5.24 13.40
C LYS G 43 -19.38 6.32 14.27
N THR G 44 -20.07 6.71 15.34
CA THR G 44 -19.53 7.66 16.31
C THR G 44 -18.77 6.88 17.38
N LYS G 45 -17.58 7.36 17.73
CA LYS G 45 -16.73 6.69 18.70
C LYS G 45 -16.32 7.67 19.79
N GLU G 46 -16.47 7.24 21.05
CA GLU G 46 -16.20 8.06 22.21
C GLU G 46 -15.33 7.27 23.18
N GLY G 47 -14.18 7.81 23.53
CA GLY G 47 -13.27 7.09 24.41
C GLY G 47 -12.78 5.81 23.77
N VAL G 48 -12.19 5.91 22.58
CA VAL G 48 -11.80 4.75 21.79
C VAL G 48 -10.33 4.86 21.45
N VAL G 49 -9.60 3.76 21.63
CA VAL G 49 -8.20 3.64 21.20
C VAL G 49 -8.13 2.52 20.17
N HIS G 50 -7.50 2.80 19.03
CA HIS G 50 -7.32 1.76 18.04
C HIS G 50 -6.08 2.06 17.21
N GLY G 51 -5.44 1.00 16.72
CA GLY G 51 -4.23 1.17 15.93
C GLY G 51 -3.02 1.59 16.73
N VAL G 52 -2.64 0.77 17.72
CA VAL G 52 -1.42 0.98 18.49
C VAL G 52 -0.51 -0.21 18.25
N ALA G 53 0.72 0.06 17.81
CA ALA G 53 1.64 -1.00 17.42
C ALA G 53 3.03 -0.71 17.96
N THR G 54 3.79 -1.77 18.15
CA THR G 54 5.20 -1.67 18.54
C THR G 54 5.98 -2.73 17.76
N VAL G 55 7.03 -2.31 17.09
CA VAL G 55 7.87 -3.20 16.29
C VAL G 55 9.29 -3.10 16.81
N ALA G 56 9.90 -4.25 17.11
CA ALA G 56 11.27 -4.31 17.59
C ALA G 56 12.00 -5.43 16.87
N GLU G 57 13.30 -5.22 16.63
CA GLU G 57 14.11 -6.22 15.95
C GLU G 57 15.56 -6.05 16.40
N LYS G 58 16.21 -7.18 16.65
CA LYS G 58 17.61 -7.20 17.09
C LYS G 58 17.82 -6.34 18.33
N THR G 59 16.84 -6.39 19.23
CA THR G 59 16.80 -5.53 20.41
C THR G 59 17.05 -6.36 21.66
N LYS G 60 18.02 -5.93 22.47
CA LYS G 60 18.28 -6.54 23.76
C LYS G 60 18.02 -5.52 24.85
N GLU G 61 17.64 -6.01 26.03
CA GLU G 61 17.21 -5.13 27.10
C GLU G 61 17.52 -5.80 28.44
N GLN G 62 17.86 -4.98 29.43
CA GLN G 62 18.19 -5.45 30.77
C GLN G 62 17.58 -4.50 31.79
N VAL G 63 16.85 -5.05 32.75
CA VAL G 63 16.22 -4.29 33.82
C VAL G 63 16.56 -4.94 35.14
N THR G 64 17.05 -4.13 36.09
CA THR G 64 17.38 -4.60 37.44
C THR G 64 16.94 -3.53 38.43
N ASN G 65 15.72 -3.66 38.93
CA ASN G 65 15.17 -2.68 39.86
C ASN G 65 14.82 -3.35 41.19
N VAL G 66 14.91 -2.57 42.25
CA VAL G 66 14.52 -3.01 43.59
C VAL G 66 13.60 -1.95 44.20
N GLY G 67 12.43 -2.39 44.66
CA GLY G 67 11.47 -1.47 45.23
C GLY G 67 10.87 -0.49 44.25
N GLY G 68 11.12 -0.67 42.95
CA GLY G 68 10.68 0.28 41.95
C GLY G 68 9.66 -0.32 41.00
N ALA G 69 9.39 0.42 39.93
CA ALA G 69 8.41 0.05 38.92
C ALA G 69 8.99 0.31 37.54
N VAL G 70 9.09 -0.75 36.74
CA VAL G 70 9.61 -0.66 35.38
C VAL G 70 8.54 -1.12 34.42
N VAL G 71 8.21 -0.29 33.43
CA VAL G 71 7.22 -0.60 32.41
C VAL G 71 7.88 -0.48 31.05
N THR G 72 7.91 -1.58 30.31
CA THR G 72 8.46 -1.61 28.97
C THR G 72 7.48 -2.09 27.92
N GLY G 73 6.25 -2.45 28.33
CA GLY G 73 5.25 -2.95 27.41
C GLY G 73 4.28 -1.86 26.97
N VAL G 74 3.31 -2.29 26.17
CA VAL G 74 2.32 -1.37 25.60
C VAL G 74 1.04 -1.44 26.43
N THR G 75 0.55 -0.29 26.85
CA THR G 75 -0.73 -0.17 27.54
C THR G 75 -1.64 0.71 26.68
N ALA G 76 -2.81 0.18 26.34
CA ALA G 76 -3.81 0.89 25.54
C ALA G 76 -5.11 0.89 26.32
N VAL G 77 -5.49 2.07 26.82
CA VAL G 77 -6.63 2.20 27.72
C VAL G 77 -7.65 3.15 27.12
N ALA G 78 -8.89 2.71 27.03
CA ALA G 78 -10.00 3.54 26.57
C ALA G 78 -11.09 3.50 27.61
N GLN G 79 -11.63 4.67 27.95
CA GLN G 79 -12.59 4.77 29.05
C GLN G 79 -13.67 5.76 28.70
N LYS G 80 -14.93 5.34 28.87
CA LYS G 80 -16.09 6.21 28.79
C LYS G 80 -16.85 6.13 30.10
N THR G 81 -17.21 7.29 30.65
CA THR G 81 -17.88 7.36 31.94
C THR G 81 -19.07 8.30 31.83
N VAL G 82 -20.20 7.88 32.40
CA VAL G 82 -21.42 8.69 32.42
C VAL G 82 -21.79 8.95 33.87
N GLU G 83 -21.92 10.22 34.23
CA GLU G 83 -22.27 10.65 35.58
C GLU G 83 -21.35 10.02 36.63
N GLY G 84 -20.07 9.98 36.32
CA GLY G 84 -19.05 9.55 37.27
C GLY G 84 -17.97 10.58 37.45
N ALA G 85 -17.86 11.15 38.65
CA ALA G 85 -16.95 12.25 38.93
C ALA G 85 -15.70 11.74 39.61
N GLY G 86 -14.54 12.07 39.05
CA GLY G 86 -13.27 11.70 39.64
C GLY G 86 -12.78 10.34 39.19
N SER G 87 -12.78 10.10 37.88
CA SER G 87 -12.42 8.81 37.32
C SER G 87 -11.05 8.91 36.65
N ILE G 88 -10.16 7.98 36.99
CA ILE G 88 -8.86 7.86 36.36
C ILE G 88 -8.94 6.80 35.28
N ALA G 89 -8.33 7.07 34.13
CA ALA G 89 -8.36 6.10 33.05
C ALA G 89 -7.15 5.17 33.11
N ALA G 90 -5.96 5.72 33.28
CA ALA G 90 -4.75 4.91 33.34
C ALA G 90 -3.83 5.43 34.44
N ALA G 91 -3.15 4.51 35.11
CA ALA G 91 -2.13 4.81 36.10
C ALA G 91 -1.05 3.74 35.93
N THR G 92 0.02 4.09 35.22
CA THR G 92 1.07 3.16 34.83
C THR G 92 2.40 3.63 35.37
N GLY G 93 3.26 2.67 35.74
CA GLY G 93 4.59 2.99 36.22
C GLY G 93 4.59 3.86 37.46
N PHE G 94 3.80 3.45 38.46
CA PHE G 94 3.57 4.26 39.65
C PHE G 94 4.36 3.71 40.83
N VAL G 95 4.74 4.62 41.73
CA VAL G 95 5.26 4.27 43.04
C VAL G 95 4.67 5.29 44.00
N LYS G 96 3.67 4.89 44.78
CA LYS G 96 2.96 5.79 45.67
C LYS G 96 3.10 5.31 47.11
N LYS G 97 3.54 6.22 47.98
CA LYS G 97 3.78 5.92 49.39
C LYS G 97 3.21 7.04 50.25
N ASP G 98 1.97 7.43 49.97
CA ASP G 98 1.33 8.52 50.71
C ASP G 98 1.22 8.17 52.20
N GLN G 99 1.00 9.22 53.00
CA GLN G 99 0.88 9.05 54.45
C GLN G 99 -0.52 9.41 54.92
N VAL H 37 -33.00 18.82 18.73
CA VAL H 37 -34.27 18.56 18.06
C VAL H 37 -34.05 17.64 16.86
N LEU H 38 -33.01 17.94 16.07
CA LEU H 38 -32.68 17.13 14.90
C LEU H 38 -31.16 17.11 14.79
N TYR H 39 -30.55 15.99 15.19
CA TYR H 39 -29.11 15.84 15.24
C TYR H 39 -28.69 14.62 14.44
N VAL H 40 -27.76 14.82 13.51
CA VAL H 40 -27.13 13.72 12.78
C VAL H 40 -25.63 13.80 13.02
N GLY H 41 -25.10 12.81 13.72
CA GLY H 41 -23.67 12.71 13.92
C GLY H 41 -23.09 11.52 13.19
N SER H 42 -22.21 11.78 12.22
CA SER H 42 -21.64 10.72 11.40
C SER H 42 -20.12 10.77 11.53
N LYS H 43 -19.53 9.64 11.93
CA LYS H 43 -18.08 9.50 12.04
C LYS H 43 -17.47 10.56 12.95
N THR H 44 -18.15 10.87 14.04
CA THR H 44 -17.68 11.84 15.02
C THR H 44 -16.93 11.13 16.12
N LYS H 45 -15.76 11.65 16.48
CA LYS H 45 -14.90 11.05 17.49
C LYS H 45 -14.59 12.05 18.59
N GLU H 46 -14.78 11.64 19.83
CA GLU H 46 -14.53 12.47 21.00
C GLU H 46 -13.68 11.69 21.99
N GLY H 47 -12.50 12.21 22.30
CA GLY H 47 -11.58 11.50 23.18
C GLY H 47 -11.08 10.20 22.56
N VAL H 48 -10.44 10.30 21.41
CA VAL H 48 -10.00 9.13 20.65
C VAL H 48 -8.51 9.26 20.37
N VAL H 49 -7.78 8.16 20.59
CA VAL H 49 -6.37 8.04 20.21
C VAL H 49 -6.26 6.93 19.19
N HIS H 50 -5.70 7.23 18.02
CA HIS H 50 -5.49 6.19 17.03
C HIS H 50 -4.24 6.48 16.22
N GLY H 51 -3.53 5.41 15.86
CA GLY H 51 -2.31 5.55 15.10
C GLY H 51 -1.12 5.97 15.93
N VAL H 52 -0.74 5.12 16.88
CA VAL H 52 0.46 5.33 17.70
C VAL H 52 1.37 4.13 17.49
N ALA H 53 2.60 4.37 17.04
CA ALA H 53 3.52 3.29 16.73
C ALA H 53 4.93 3.68 17.16
N THR H 54 5.72 2.67 17.51
CA THR H 54 7.15 2.83 17.74
C THR H 54 7.89 1.68 17.04
N VAL H 55 8.96 2.02 16.35
CA VAL H 55 9.79 1.06 15.63
C VAL H 55 11.22 1.17 16.16
N ALA H 56 11.79 0.04 16.55
CA ALA H 56 13.14 -0.03 17.06
C ALA H 56 13.92 -1.12 16.32
N GLU H 57 15.21 -0.87 16.11
CA GLU H 57 16.06 -1.81 15.40
C GLU H 57 17.48 -1.68 15.94
N LYS H 58 18.10 -2.82 16.27
CA LYS H 58 19.46 -2.86 16.80
C LYS H 58 19.61 -1.94 18.00
N THR H 59 18.60 -1.96 18.88
CA THR H 59 18.53 -1.08 20.03
C THR H 59 18.79 -1.88 21.30
N LYS H 60 19.72 -1.40 22.11
CA LYS H 60 19.98 -1.98 23.43
C LYS H 60 19.74 -0.94 24.50
N GLU H 61 19.29 -1.39 25.67
CA GLU H 61 18.96 -0.49 26.75
C GLU H 61 19.21 -1.16 28.09
N GLN H 62 19.72 -0.39 29.05
CA GLN H 62 19.98 -0.86 30.40
C GLN H 62 19.26 0.06 31.37
N VAL H 63 18.54 -0.54 32.32
CA VAL H 63 17.81 0.21 33.34
C VAL H 63 18.13 -0.38 34.71
N THR H 64 18.50 0.48 35.64
CA THR H 64 18.77 0.09 37.03
C THR H 64 18.26 1.20 37.93
N ASN H 65 17.02 1.06 38.41
CA ASN H 65 16.41 2.06 39.26
C ASN H 65 16.09 1.45 40.62
N VAL H 66 16.19 2.28 41.66
CA VAL H 66 16.05 1.85 43.05
C VAL H 66 15.03 2.77 43.72
N GLY H 67 13.82 2.26 43.93
CA GLY H 67 12.78 3.06 44.54
C GLY H 67 12.12 4.06 43.63
N GLY H 68 12.42 4.02 42.34
CA GLY H 68 11.90 4.96 41.37
C GLY H 68 10.91 4.32 40.41
N ALA H 69 10.64 5.06 39.33
CA ALA H 69 9.67 4.66 38.32
C ALA H 69 10.20 5.04 36.95
N VAL H 70 10.59 4.05 36.16
CA VAL H 70 11.11 4.24 34.81
C VAL H 70 10.15 3.61 33.82
N VAL H 71 9.73 4.38 32.83
CA VAL H 71 8.79 3.94 31.80
C VAL H 71 9.48 4.01 30.45
N THR H 72 9.39 2.93 29.68
CA THR H 72 9.98 2.85 28.36
C THR H 72 8.96 2.48 27.27
N GLY H 73 7.84 1.86 27.63
CA GLY H 73 6.89 1.39 26.65
C GLY H 73 5.88 2.47 26.25
N VAL H 74 4.92 2.04 25.44
CA VAL H 74 3.93 2.96 24.88
C VAL H 74 2.68 2.96 25.74
N THR H 75 2.19 4.15 26.05
CA THR H 75 0.89 4.31 26.71
C THR H 75 0.00 5.15 25.81
N ALA H 76 -1.19 4.64 25.51
CA ALA H 76 -2.17 5.32 24.67
C ALA H 76 -3.50 5.32 25.42
N VAL H 77 -3.89 6.49 25.92
CA VAL H 77 -5.07 6.62 26.78
C VAL H 77 -6.04 7.58 26.12
N ALA H 78 -7.29 7.13 25.96
CA ALA H 78 -8.36 7.97 25.47
C ALA H 78 -9.50 7.94 26.47
N GLN H 79 -10.00 9.10 26.84
CA GLN H 79 -10.99 9.23 27.90
C GLN H 79 -12.09 10.19 27.49
N LYS H 80 -13.34 9.80 27.74
CA LYS H 80 -14.49 10.67 27.60
C LYS H 80 -15.35 10.54 28.84
N THR H 81 -15.64 11.67 29.48
CA THR H 81 -16.45 11.69 30.69
C THR H 81 -17.61 12.66 30.52
N VAL H 82 -18.76 12.31 31.07
CA VAL H 82 -19.94 13.16 31.08
C VAL H 82 -20.32 13.42 32.53
N GLU H 83 -20.42 14.70 32.90
CA GLU H 83 -20.70 15.12 34.27
C GLU H 83 -19.71 14.48 35.25
N GLY H 84 -18.44 14.44 34.85
CA GLY H 84 -17.39 13.94 35.70
C GLY H 84 -16.31 14.95 35.94
N ALA H 85 -16.18 15.41 37.19
CA ALA H 85 -15.26 16.47 37.56
C ALA H 85 -14.00 15.90 38.19
N GLY H 86 -12.86 16.53 37.92
CA GLY H 86 -11.59 16.08 38.45
C GLY H 86 -11.14 14.74 37.92
N SER H 87 -11.31 14.49 36.63
CA SER H 87 -10.96 13.22 36.01
C SER H 87 -9.57 13.32 35.40
N ILE H 88 -8.71 12.36 35.74
CA ILE H 88 -7.38 12.25 35.16
C ILE H 88 -7.43 11.15 34.11
N ALA H 89 -6.74 11.36 32.99
CA ALA H 89 -6.69 10.33 31.95
C ALA H 89 -5.43 9.48 32.05
N ALA H 90 -4.26 10.11 32.11
CA ALA H 90 -3.00 9.39 32.24
C ALA H 90 -2.20 9.95 33.40
N ALA H 91 -1.57 9.05 34.15
CA ALA H 91 -0.70 9.40 35.27
C ALA H 91 0.58 8.57 35.20
N THR H 92 1.18 8.48 34.02
CA THR H 92 2.32 7.61 33.79
C THR H 92 3.57 8.14 34.50
N GLY H 93 4.44 7.20 34.90
CA GLY H 93 5.77 7.51 35.37
C GLY H 93 5.86 8.42 36.59
N PHE H 94 5.07 8.14 37.62
CA PHE H 94 5.02 8.97 38.81
C PHE H 94 5.76 8.33 39.97
N VAL H 95 6.22 9.18 40.89
CA VAL H 95 6.68 8.78 42.21
C VAL H 95 6.06 9.81 43.16
N LYS H 96 5.03 9.41 43.89
CA LYS H 96 4.27 10.32 44.73
C LYS H 96 4.34 9.86 46.17
N LYS H 97 4.78 10.77 47.06
CA LYS H 97 4.93 10.48 48.48
C LYS H 97 4.36 11.64 49.30
N ASP H 98 3.15 12.05 48.96
CA ASP H 98 2.54 13.19 49.63
C ASP H 98 2.25 12.87 51.10
N GLN H 99 1.96 13.93 51.87
CA GLN H 99 1.68 13.78 53.28
C GLN H 99 0.21 14.10 53.58
N VAL I 37 -31.43 23.08 17.11
CA VAL I 37 -32.65 22.81 16.36
C VAL I 37 -32.37 21.87 15.20
N LEU I 38 -31.33 22.19 14.41
CA LEU I 38 -30.95 21.36 13.27
C LEU I 38 -29.42 21.36 13.20
N TYR I 39 -28.83 20.23 13.58
CA TYR I 39 -27.38 20.10 13.65
C TYR I 39 -26.95 18.87 12.86
N VAL I 40 -25.96 19.05 11.99
CA VAL I 40 -25.31 17.96 11.28
C VAL I 40 -23.81 18.06 11.55
N GLY I 41 -23.28 17.07 12.24
CA GLY I 41 -21.85 16.99 12.47
C GLY I 41 -21.23 15.79 11.81
N SER I 42 -20.40 16.01 10.80
CA SER I 42 -19.79 14.94 10.04
C SER I 42 -18.27 14.99 10.19
N LYS I 43 -17.69 13.87 10.63
CA LYS I 43 -16.23 13.72 10.74
C LYS I 43 -15.62 14.81 11.63
N THR I 44 -16.24 15.08 12.76
CA THR I 44 -15.79 16.09 13.70
C THR I 44 -14.94 15.45 14.79
N LYS I 45 -13.77 16.04 15.05
CA LYS I 45 -12.85 15.55 16.05
C LYS I 45 -12.80 16.51 17.23
N GLU I 46 -12.96 15.99 18.44
CA GLU I 46 -12.89 16.78 19.66
C GLU I 46 -12.03 16.02 20.66
N GLY I 47 -10.88 16.57 21.02
CA GLY I 47 -9.98 15.89 21.93
C GLY I 47 -9.42 14.62 21.36
N VAL I 48 -8.84 14.68 20.16
CA VAL I 48 -8.36 13.51 19.44
C VAL I 48 -6.86 13.63 19.21
N VAL I 49 -6.15 12.54 19.44
CA VAL I 49 -4.74 12.41 19.11
C VAL I 49 -4.61 11.32 18.06
N HIS I 50 -3.93 11.63 16.96
CA HIS I 50 -3.69 10.60 15.96
C HIS I 50 -2.41 10.90 15.19
N GLY I 51 -1.75 9.84 14.75
CA GLY I 51 -0.51 9.98 14.00
C GLY I 51 0.69 10.35 14.86
N VAL I 52 0.99 9.53 15.86
CA VAL I 52 2.15 9.71 16.72
C VAL I 52 3.07 8.52 16.50
N ALA I 53 4.33 8.79 16.17
CA ALA I 53 5.27 7.74 15.83
C ALA I 53 6.63 8.04 16.45
N THR I 54 7.43 6.98 16.59
CA THR I 54 8.80 7.10 17.09
C THR I 54 9.64 6.02 16.41
N VAL I 55 10.71 6.42 15.75
CA VAL I 55 11.58 5.50 15.02
C VAL I 55 12.98 5.61 15.61
N ALA I 56 13.57 4.46 15.96
CA ALA I 56 14.91 4.40 16.50
C ALA I 56 15.70 3.32 15.77
N GLU I 57 17.01 3.53 15.65
CA GLU I 57 17.88 2.58 14.98
C GLU I 57 19.30 2.75 15.51
N LYS I 58 19.94 1.63 15.83
CA LYS I 58 21.32 1.61 16.34
C LYS I 58 21.46 2.52 17.55
N THR I 59 20.46 2.49 18.42
CA THR I 59 20.38 3.39 19.57
C THR I 59 20.61 2.61 20.85
N LYS I 60 21.53 3.09 21.67
CA LYS I 60 21.78 2.53 22.99
C LYS I 60 21.52 3.59 24.05
N GLU I 61 21.00 3.15 25.20
CA GLU I 61 20.63 4.07 26.26
C GLU I 61 20.85 3.39 27.61
N GLN I 62 21.29 4.17 28.60
CA GLN I 62 21.48 3.69 29.95
C GLN I 62 20.76 4.63 30.90
N VAL I 63 20.04 4.06 31.86
CA VAL I 63 19.30 4.82 32.87
C VAL I 63 19.63 4.26 34.23
N THR I 64 20.04 5.15 35.15
CA THR I 64 20.32 4.79 36.54
C THR I 64 19.58 5.79 37.41
N ASN I 65 18.43 5.37 37.94
CA ASN I 65 17.53 6.24 38.68
C ASN I 65 17.48 5.81 40.15
N VAL I 66 17.40 6.80 41.04
CA VAL I 66 17.33 6.55 42.47
C VAL I 66 16.27 7.49 43.05
N GLY I 67 15.07 6.96 43.30
CA GLY I 67 14.03 7.74 43.92
C GLY I 67 13.34 8.73 43.02
N GLY I 68 13.62 8.72 41.72
CA GLY I 68 13.04 9.64 40.78
C GLY I 68 12.18 8.96 39.73
N ALA I 69 11.95 9.69 38.65
CA ALA I 69 11.07 9.24 37.57
C ALA I 69 11.75 9.51 36.23
N VAL I 70 11.91 8.46 35.42
CA VAL I 70 12.48 8.56 34.08
C VAL I 70 11.45 8.07 33.09
N VAL I 71 11.18 8.88 32.07
CA VAL I 71 10.24 8.52 31.01
C VAL I 71 10.98 8.59 29.68
N THR I 72 10.99 7.47 28.95
CA THR I 72 11.63 7.40 27.65
C THR I 72 10.66 7.07 26.52
N GLY I 73 9.52 6.44 26.80
CA GLY I 73 8.61 6.01 25.77
C GLY I 73 7.58 7.06 25.39
N VAL I 74 6.63 6.64 24.56
CA VAL I 74 5.64 7.54 24.01
C VAL I 74 4.35 7.45 24.80
N THR I 75 3.80 8.60 25.19
CA THR I 75 2.49 8.68 25.80
C THR I 75 1.60 9.54 24.93
N ALA I 76 0.43 9.01 24.55
CA ALA I 76 -0.52 9.70 23.69
C ALA I 76 -1.86 9.71 24.40
N VAL I 77 -2.25 10.89 24.89
CA VAL I 77 -3.43 11.03 25.73
C VAL I 77 -4.40 11.98 25.05
N ALA I 78 -5.66 11.54 24.94
CA ALA I 78 -6.73 12.37 24.39
C ALA I 78 -7.89 12.35 25.37
N GLN I 79 -8.42 13.53 25.68
CA GLN I 79 -9.44 13.67 26.71
C GLN I 79 -10.55 14.59 26.23
N LYS I 80 -11.78 14.23 26.56
CA LYS I 80 -12.95 15.05 26.28
C LYS I 80 -13.89 14.94 27.48
N THR I 81 -14.10 16.04 28.18
CA THR I 81 -14.94 16.07 29.38
C THR I 81 -16.09 17.04 29.17
N VAL I 82 -17.24 16.70 29.75
CA VAL I 82 -18.42 17.55 29.73
C VAL I 82 -18.81 17.83 31.18
N GLU I 83 -18.96 19.11 31.51
CA GLU I 83 -19.35 19.54 32.85
C GLU I 83 -18.42 18.94 33.92
N GLY I 84 -17.13 18.87 33.59
CA GLY I 84 -16.14 18.41 34.52
C GLY I 84 -15.03 19.43 34.74
N ALA I 85 -14.96 19.99 35.94
CA ALA I 85 -14.01 21.03 36.28
C ALA I 85 -12.75 20.43 36.88
N GLY I 86 -11.62 21.12 36.67
CA GLY I 86 -10.35 20.68 37.22
C GLY I 86 -9.88 19.34 36.69
N SER I 87 -10.00 19.14 35.38
CA SER I 87 -9.65 17.89 34.74
C SER I 87 -8.23 17.97 34.20
N ILE I 88 -7.41 16.98 34.55
CA ILE I 88 -6.05 16.86 34.04
C ILE I 88 -6.04 15.77 32.97
N ALA I 89 -5.47 16.09 31.81
CA ALA I 89 -5.41 15.11 30.73
C ALA I 89 -4.23 14.18 30.90
N ALA I 90 -3.02 14.72 30.98
CA ALA I 90 -1.82 13.92 31.14
C ALA I 90 -1.01 14.45 32.31
N ALA I 91 -0.32 13.54 32.99
CA ALA I 91 0.61 13.85 34.07
C ALA I 91 1.71 12.80 34.01
N THR I 92 2.81 13.12 33.33
CA THR I 92 3.88 12.18 33.09
C THR I 92 5.16 12.64 33.78
N GLY I 93 5.91 11.66 34.30
CA GLY I 93 7.26 11.90 34.77
C GLY I 93 7.44 12.95 35.85
N PHE I 94 6.58 12.97 36.85
CA PHE I 94 6.72 13.85 38.00
C PHE I 94 7.21 13.07 39.20
N VAL I 95 7.76 13.81 40.16
CA VAL I 95 8.05 13.31 41.51
C VAL I 95 7.46 14.34 42.47
N LYS I 96 6.29 14.03 43.01
CA LYS I 96 5.54 14.97 43.82
C LYS I 96 5.56 14.53 45.29
N LYS I 97 5.96 15.43 46.17
CA LYS I 97 6.07 15.16 47.60
C LYS I 97 5.45 16.30 48.40
N ASP I 98 4.23 16.70 48.03
CA ASP I 98 3.59 17.84 48.65
C ASP I 98 3.23 17.54 50.11
N GLN I 99 2.64 18.54 50.77
CA GLN I 99 2.29 18.44 52.17
C GLN I 99 0.77 18.58 52.37
N VAL J 37 -29.60 27.19 15.46
CA VAL J 37 -30.84 26.97 14.72
C VAL J 37 -30.56 26.06 13.51
N LEU J 38 -29.50 26.38 12.77
CA LEU J 38 -29.15 25.61 11.57
C LEU J 38 -27.63 25.57 11.50
N TYR J 39 -27.04 24.47 12.00
CA TYR J 39 -25.59 24.32 12.09
C TYR J 39 -25.17 23.10 11.30
N VAL J 40 -24.18 23.28 10.43
CA VAL J 40 -23.52 22.18 9.74
C VAL J 40 -22.02 22.32 9.99
N GLY J 41 -21.44 21.33 10.66
CA GLY J 41 -20.01 21.30 10.87
C GLY J 41 -19.37 20.06 10.30
N SER J 42 -18.56 20.23 9.26
CA SER J 42 -17.94 19.11 8.55
C SER J 42 -16.42 19.20 8.70
N LYS J 43 -15.82 18.12 9.21
CA LYS J 43 -14.36 17.99 9.33
C LYS J 43 -13.77 19.12 10.18
N THR J 44 -14.44 19.42 11.29
CA THR J 44 -13.97 20.41 12.24
C THR J 44 -13.30 19.72 13.41
N LYS J 45 -12.12 20.21 13.79
CA LYS J 45 -11.35 19.63 14.89
C LYS J 45 -11.11 20.69 15.95
N GLU J 46 -11.30 20.29 17.22
CA GLU J 46 -11.14 21.18 18.36
C GLU J 46 -10.32 20.46 19.41
N GLY J 47 -9.14 21.02 19.72
CA GLY J 47 -8.24 20.38 20.65
C GLY J 47 -7.73 19.06 20.13
N VAL J 48 -7.06 19.09 18.99
CA VAL J 48 -6.59 17.88 18.32
C VAL J 48 -5.10 18.02 18.05
N VAL J 49 -4.34 16.98 18.36
CA VAL J 49 -2.91 16.92 18.08
C VAL J 49 -2.68 15.79 17.09
N HIS J 50 -2.06 16.11 15.96
CA HIS J 50 -1.77 15.08 14.97
C HIS J 50 -0.52 15.44 14.19
N GLY J 51 0.23 14.41 13.80
CA GLY J 51 1.47 14.59 13.07
C GLY J 51 2.65 14.87 13.97
N VAL J 52 2.91 13.99 14.93
CA VAL J 52 4.03 14.10 15.85
C VAL J 52 4.91 12.88 15.66
N ALA J 53 6.17 13.10 15.30
CA ALA J 53 7.11 12.01 15.06
C ALA J 53 8.50 12.40 15.52
N THR J 54 9.24 11.40 15.99
CA THR J 54 10.65 11.55 16.32
C THR J 54 11.43 10.45 15.63
N VAL J 55 12.58 10.81 15.05
CA VAL J 55 13.44 9.86 14.36
C VAL J 55 14.84 9.97 14.97
N ALA J 56 15.36 8.85 15.45
CA ALA J 56 16.68 8.79 16.04
C ALA J 56 17.50 7.72 15.32
N GLU J 57 18.81 7.96 15.25
CA GLU J 57 19.70 7.05 14.51
C GLU J 57 21.11 7.18 15.06
N LYS J 58 21.68 6.07 15.51
CA LYS J 58 23.05 6.02 16.01
C LYS J 58 23.28 7.02 17.14
N THR J 59 22.31 7.11 18.04
CA THR J 59 22.36 8.02 19.18
C THR J 59 22.62 7.24 20.46
N LYS J 60 23.56 7.74 21.26
CA LYS J 60 23.85 7.20 22.58
C LYS J 60 23.32 8.18 23.61
N GLU J 61 22.81 7.65 24.72
CA GLU J 61 22.25 8.48 25.78
C GLU J 61 22.63 7.86 27.12
N GLN J 62 22.76 8.70 28.13
CA GLN J 62 23.05 8.25 29.49
C GLN J 62 22.34 9.20 30.44
N VAL J 63 21.46 8.66 31.29
CA VAL J 63 20.70 9.44 32.24
C VAL J 63 20.95 8.89 33.64
N THR J 64 21.26 9.79 34.58
CA THR J 64 21.51 9.42 35.97
C THR J 64 20.96 10.54 36.84
N ASN J 65 19.75 10.39 37.35
CA ASN J 65 19.14 11.37 38.23
C ASN J 65 18.82 10.73 39.58
N VAL J 66 18.84 11.56 40.61
CA VAL J 66 18.62 11.12 41.99
C VAL J 66 17.56 12.03 42.59
N GLY J 67 16.34 11.51 42.73
CA GLY J 67 15.25 12.31 43.25
C GLY J 67 14.66 13.30 42.27
N GLY J 68 15.06 13.23 41.00
CA GLY J 68 14.59 14.18 40.01
C GLY J 68 13.62 13.60 39.01
N ALA J 69 13.41 14.30 37.91
CA ALA J 69 12.46 13.90 36.89
C ALA J 69 13.06 14.16 35.51
N VAL J 70 13.38 13.09 34.79
CA VAL J 70 13.98 13.18 33.47
C VAL J 70 13.00 12.59 32.46
N VAL J 71 12.72 13.34 31.41
CA VAL J 71 11.86 12.89 30.31
C VAL J 71 12.61 13.09 29.01
N THR J 72 12.75 12.03 28.22
CA THR J 72 13.35 12.12 26.90
C THR J 72 12.39 11.66 25.80
N GLY J 73 11.21 11.16 26.17
CA GLY J 73 10.21 10.82 25.19
C GLY J 73 9.09 11.83 25.18
N VAL J 74 8.88 12.51 24.05
CA VAL J 74 7.89 13.57 23.99
C VAL J 74 6.49 12.98 24.05
N THR J 75 5.56 13.77 24.57
CA THR J 75 4.19 13.34 24.79
C THR J 75 3.24 14.16 23.93
N ALA J 76 2.22 13.52 23.40
CA ALA J 76 1.21 14.16 22.58
C ALA J 76 -0.12 14.13 23.32
N VAL J 77 -0.59 15.30 23.73
CA VAL J 77 -1.78 15.42 24.57
C VAL J 77 -2.76 16.38 23.90
N ALA J 78 -3.99 15.93 23.71
CA ALA J 78 -5.06 16.76 23.18
C ALA J 78 -6.22 16.75 24.16
N GLN J 79 -6.73 17.92 24.48
CA GLN J 79 -7.77 18.05 25.50
C GLN J 79 -8.84 19.03 25.03
N LYS J 80 -10.09 18.67 25.28
CA LYS J 80 -11.22 19.57 25.11
C LYS J 80 -12.16 19.39 26.28
N THR J 81 -12.46 20.48 26.99
CA THR J 81 -13.33 20.46 28.14
C THR J 81 -14.46 21.48 27.95
N VAL J 82 -15.67 21.08 28.31
CA VAL J 82 -16.84 21.94 28.25
C VAL J 82 -17.28 22.22 29.68
N GLU J 83 -17.42 23.51 30.01
CA GLU J 83 -17.81 23.94 31.35
C GLU J 83 -16.90 23.36 32.42
N GLY J 84 -15.61 23.28 32.10
CA GLY J 84 -14.61 22.83 33.05
C GLY J 84 -13.53 23.88 33.26
N ALA J 85 -13.46 24.45 34.46
CA ALA J 85 -12.54 25.53 34.77
C ALA J 85 -11.31 24.97 35.47
N GLY J 86 -10.17 25.62 35.24
CA GLY J 86 -8.91 25.19 35.84
C GLY J 86 -8.43 23.85 35.36
N SER J 87 -8.53 23.58 34.07
CA SER J 87 -8.14 22.30 33.50
C SER J 87 -6.72 22.39 32.95
N ILE J 88 -5.90 21.41 33.29
CA ILE J 88 -4.53 21.32 32.80
C ILE J 88 -4.48 20.25 31.72
N ALA J 89 -3.84 20.57 30.60
CA ALA J 89 -3.70 19.60 29.51
C ALA J 89 -2.49 18.69 29.72
N ALA J 90 -1.31 19.27 29.93
CA ALA J 90 -0.09 18.49 30.11
C ALA J 90 0.66 19.00 31.33
N ALA J 91 1.25 18.06 32.08
CA ALA J 91 2.05 18.33 33.27
C ALA J 91 3.34 17.52 33.24
N THR J 92 4.07 17.55 32.12
CA THR J 92 5.15 16.61 31.89
C THR J 92 6.44 17.03 32.58
N GLY J 93 7.09 16.05 33.22
CA GLY J 93 8.50 16.09 33.54
C GLY J 93 9.04 17.17 34.45
N PHE J 94 8.41 17.38 35.60
CA PHE J 94 8.93 18.33 36.59
C PHE J 94 8.84 17.71 37.98
N VAL J 95 9.26 18.47 38.99
CA VAL J 95 9.28 18.03 40.38
C VAL J 95 8.62 19.11 41.22
N LYS J 96 7.53 18.76 41.89
CA LYS J 96 6.79 19.70 42.72
C LYS J 96 6.83 19.23 44.17
N LYS J 97 7.21 20.13 45.08
CA LYS J 97 7.29 19.84 46.50
C LYS J 97 6.68 20.95 47.34
N ASP J 98 5.47 21.38 47.01
CA ASP J 98 4.82 22.48 47.69
C ASP J 98 4.57 22.17 49.16
N GLN J 99 4.35 23.19 49.97
CA GLN J 99 4.13 23.01 51.40
C GLN J 99 2.74 23.47 51.81
N UNK K 1 -12.28 -12.33 -48.60
CA UNK K 1 -10.90 -12.71 -48.33
C UNK K 1 -10.57 -14.07 -48.92
N UNK K 2 -9.71 -14.08 -49.94
CA UNK K 2 -9.31 -15.32 -50.60
C UNK K 2 -7.82 -15.58 -50.44
N UNK K 3 -7.46 -16.78 -50.01
CA UNK K 3 -6.07 -17.15 -49.83
C UNK K 3 -5.67 -18.30 -50.74
N UNK K 4 -4.56 -18.13 -51.46
CA UNK K 4 -4.08 -19.15 -52.37
C UNK K 4 -2.69 -19.63 -51.95
N UNK K 5 -2.52 -20.95 -51.88
CA UNK K 5 -1.24 -21.53 -51.51
C UNK K 5 -0.87 -22.68 -52.44
N UNK L 1 -9.02 -9.00 -49.05
CA UNK L 1 -7.58 -9.25 -49.04
C UNK L 1 -7.25 -10.60 -49.66
N UNK L 2 -6.39 -10.59 -50.67
CA UNK L 2 -5.98 -11.82 -51.35
C UNK L 2 -4.49 -12.08 -51.19
N UNK L 3 -4.15 -13.29 -50.78
CA UNK L 3 -2.76 -13.67 -50.59
C UNK L 3 -2.35 -14.82 -51.51
N UNK L 4 -1.23 -14.65 -52.21
CA UNK L 4 -0.74 -15.66 -53.12
C UNK L 4 0.63 -16.17 -52.69
N UNK L 5 0.78 -17.49 -52.64
CA UNK L 5 2.05 -18.10 -52.23
C UNK L 5 2.42 -19.25 -53.17
N UNK M 1 -5.97 -5.27 -49.83
CA UNK M 1 -4.53 -5.50 -49.82
C UNK M 1 -4.19 -6.86 -50.43
N UNK M 2 -3.30 -6.85 -51.42
CA UNK M 2 -2.88 -8.08 -52.09
C UNK M 2 -1.40 -8.34 -51.88
N UNK M 3 -1.07 -9.57 -51.47
CA UNK M 3 0.32 -9.93 -51.22
C UNK M 3 0.76 -11.07 -52.14
N UNK M 4 1.89 -10.90 -52.80
CA UNK M 4 2.43 -11.91 -53.70
C UNK M 4 3.78 -12.41 -53.22
N UNK M 5 3.93 -13.73 -53.17
CA UNK M 5 5.18 -14.34 -52.73
C UNK M 5 5.53 -15.55 -53.59
N UNK N 1 -2.48 -1.88 -51.01
CA UNK N 1 -1.06 -2.15 -50.89
C UNK N 1 -0.71 -3.52 -51.45
N UNK N 2 0.19 -3.55 -52.42
CA UNK N 2 0.61 -4.80 -53.05
C UNK N 2 2.09 -5.05 -52.82
N UNK N 3 2.43 -6.25 -52.36
CA UNK N 3 3.82 -6.61 -52.10
C UNK N 3 4.25 -7.79 -52.97
N UNK N 4 5.39 -7.65 -53.63
CA UNK N 4 5.91 -8.70 -54.49
C UNK N 4 7.26 -9.20 -53.99
N UNK N 5 7.40 -10.52 -53.88
CA UNK N 5 8.64 -11.13 -53.42
C UNK N 5 9.01 -12.34 -54.26
N UNK O 1 0.81 1.87 -52.46
CA UNK O 1 2.06 1.39 -51.87
C UNK O 1 2.43 0.02 -52.43
N UNK O 2 3.39 -0.01 -53.35
CA UNK O 2 3.84 -1.26 -53.95
C UNK O 2 5.31 -1.52 -53.64
N UNK O 3 5.61 -2.72 -53.17
CA UNK O 3 6.98 -3.10 -52.82
C UNK O 3 7.45 -4.26 -53.69
N UNK O 4 8.64 -4.09 -54.28
CA UNK O 4 9.21 -5.12 -55.14
C UNK O 4 10.53 -5.64 -54.58
N UNK O 5 10.67 -6.96 -54.50
CA UNK O 5 11.88 -7.57 -53.98
C UNK O 5 12.26 -8.81 -54.78
#